data_8OUG
#
_entry.id   8OUG
#
_cell.length_a   89.400
_cell.length_b   120.500
_cell.length_c   145.600
_cell.angle_alpha   90.000
_cell.angle_beta   90.000
_cell.angle_gamma   90.000
#
_symmetry.space_group_name_H-M   'C 2 2 21'
#
loop_
_entity.id
_entity.type
_entity.pdbx_description
1 polymer Beta-galactosidase
2 non-polymer 1,2-ETHANEDIOL
3 non-polymer 'CHLORIDE ION'
4 water water
#
_entity_poly.entity_id   1
_entity_poly.type   'polypeptide(L)'
_entity_poly.pdbx_seq_one_letter_code
;MKVTHDGKLYIVEGEKIVVYGGTLQFFRVPRDAWRDRLEKMKKHGLNTVDTYVAWNWHEPEEGKFDFIGETHPQRDLIGF
LELAQDLGLYVIIRPGPYICGEWKNGGIPEWLINKHPEILARGPNGPLPRDIYYPPITYLHPTYLGYVMKWYEQVFPIIK
DYLYTKGGPIINVTIDDEPSYWETIFQAFLTDYNDVVVKPNGLWHKWLRETFSLDQLEERYKGKFSDYTEIAPPKDFSEP
LPKIIDWHHFKIWMTNEYVKTLYHKIQEYVDVPVSILDPYLLLAAWRHFYNYIRKNNLDIHLWTEFWYSFYRSFDFKEDR
LGHVYYKIGTYRYYVNKLNTPPLSIETQSSLANVIEKDEAELLYGLLPSLGIHNINYYLYVGGENPRGYESHNGVTWDVY
SPIGLDGSERQHVEPIKWIGEFLKANKDFAYSPFNAKVAFAMYEPYEALNLWGHRPENFKESVNLNEYLFGERGLLTLLA
MSNVPFDVIDLENTTVEEMLRYEQIWVYSLDFMGREVQDKLAEYVEKGGNLVILPMLPYLDENLNEYRKLEEFLGVKVEG
EPARDNVRLIPFVSVDADGIDRMIVRNVVREVKGGEPIAWVEDKVVGAIVRKGKGSAVILGFRLQYFSSYHDMHRKFVDK
ILELQGVERDFKVTDRDMIVIPRGNYLAVINPRGHAVKGRISYNGIEFPKLIELEMKNRGVLFLPVNVKYGSVEVVYSTA
TVTRYEDGKITFRNHLSNTAEVAIKGDVEGVENGEVVEKKQEGEVTTLVIRHPGEFVLLLR
;
_entity_poly.pdbx_strand_id   A
#
# COMPACT_ATOMS: atom_id res chain seq x y z
N MET A 1 21.70 21.74 -10.67
CA MET A 1 20.48 22.58 -10.48
C MET A 1 19.52 21.79 -9.57
N LYS A 2 18.32 21.44 -9.99
CA LYS A 2 17.18 21.28 -9.06
C LYS A 2 16.60 19.85 -9.12
N VAL A 3 15.99 19.45 -8.01
CA VAL A 3 15.14 18.24 -7.97
C VAL A 3 13.72 18.70 -7.69
N THR A 4 12.84 18.47 -8.63
CA THR A 4 11.44 18.88 -8.48
C THR A 4 10.57 17.68 -8.89
N HIS A 5 9.27 17.90 -9.10
CA HIS A 5 8.26 16.86 -9.41
C HIS A 5 7.01 17.51 -9.96
N ASP A 6 6.17 16.71 -10.61
CA ASP A 6 4.88 17.15 -11.20
C ASP A 6 3.78 16.30 -10.63
N GLY A 7 4.00 15.62 -9.51
CA GLY A 7 2.96 14.79 -8.89
C GLY A 7 2.91 13.39 -9.48
N LYS A 8 3.55 13.13 -10.64
CA LYS A 8 3.68 11.72 -11.18
C LYS A 8 5.15 11.27 -11.14
N LEU A 9 6.09 12.11 -11.55
CA LEU A 9 7.53 11.80 -11.64
C LEU A 9 8.34 12.90 -10.97
N TYR A 10 9.45 12.50 -10.34
CA TYR A 10 10.54 13.43 -9.96
C TYR A 10 11.17 13.92 -11.26
N ILE A 11 11.73 15.12 -11.19
CA ILE A 11 12.30 15.89 -12.31
C ILE A 11 13.65 16.41 -11.83
N VAL A 12 14.68 16.03 -12.57
CA VAL A 12 16.09 16.30 -12.17
C VAL A 12 16.66 17.12 -13.29
N GLU A 13 17.20 18.31 -13.02
CA GLU A 13 17.55 19.31 -14.06
C GLU A 13 16.42 19.40 -15.09
N GLY A 14 15.15 19.39 -14.68
CA GLY A 14 14.05 19.51 -15.65
C GLY A 14 13.95 18.32 -16.61
N GLU A 15 14.58 17.17 -16.35
CA GLU A 15 14.32 15.87 -17.06
C GLU A 15 13.40 15.02 -16.16
N LYS A 16 12.31 14.48 -16.70
CA LYS A 16 11.45 13.47 -16.05
C LYS A 16 12.25 12.17 -15.96
N ILE A 17 12.32 11.58 -14.78
CA ILE A 17 12.92 10.24 -14.57
C ILE A 17 11.89 9.34 -13.88
N VAL A 18 12.00 8.05 -14.13
CA VAL A 18 11.34 7.00 -13.32
C VAL A 18 12.41 6.58 -12.32
N VAL A 19 12.15 6.75 -11.04
CA VAL A 19 13.02 6.19 -9.97
C VAL A 19 12.83 4.67 -10.01
N TYR A 20 13.88 3.97 -10.43
CA TYR A 20 13.95 2.48 -10.39
C TYR A 20 15.21 2.02 -9.64
N GLY A 21 15.02 1.64 -8.37
CA GLY A 21 16.13 1.58 -7.42
C GLY A 21 16.26 0.22 -6.76
N GLY A 22 17.41 0.02 -6.13
CA GLY A 22 17.63 -1.04 -5.13
C GLY A 22 18.28 -0.47 -3.89
N THR A 23 17.98 -1.07 -2.75
CA THR A 23 18.69 -0.80 -1.49
C THR A 23 20.01 -1.57 -1.45
N LEU A 24 21.10 -0.83 -1.31
CA LEU A 24 22.41 -1.35 -0.87
C LEU A 24 22.81 -0.58 0.40
N GLN A 25 22.60 -1.20 1.56
CA GLN A 25 23.11 -0.67 2.85
C GLN A 25 24.62 -0.88 2.89
N PHE A 26 25.37 0.13 2.43
CA PHE A 26 26.85 0.19 2.41
C PHE A 26 27.43 -0.36 3.74
N PHE A 27 26.80 -0.08 4.88
CA PHE A 27 27.38 -0.36 6.23
C PHE A 27 27.32 -1.87 6.58
N ARG A 28 26.59 -2.65 5.78
CA ARG A 28 26.43 -4.12 5.94
C ARG A 28 26.95 -4.87 4.70
N VAL A 29 27.70 -4.21 3.80
CA VAL A 29 28.29 -4.89 2.62
C VAL A 29 29.77 -4.58 2.62
N PRO A 30 30.66 -5.58 2.39
CA PRO A 30 32.10 -5.32 2.44
C PRO A 30 32.44 -4.13 1.50
N ARG A 31 33.38 -3.27 1.90
CA ARG A 31 33.73 -2.05 1.13
C ARG A 31 34.41 -2.45 -0.17
N ASP A 32 35.25 -3.46 -0.14
CA ASP A 32 35.81 -4.17 -1.32
C ASP A 32 34.73 -4.46 -2.37
N ALA A 33 33.47 -4.67 -2.01
CA ALA A 33 32.41 -5.22 -2.90
C ALA A 33 31.46 -4.13 -3.46
N TRP A 34 31.49 -2.93 -2.91
CA TRP A 34 30.51 -1.85 -3.25
C TRP A 34 30.46 -1.63 -4.76
N ARG A 35 31.61 -1.39 -5.39
CA ARG A 35 31.62 -0.97 -6.82
C ARG A 35 30.99 -2.10 -7.63
N ASP A 36 31.40 -3.33 -7.34
CA ASP A 36 30.88 -4.54 -8.01
C ASP A 36 29.35 -4.55 -7.89
N ARG A 37 28.82 -4.42 -6.68
CA ARG A 37 27.37 -4.53 -6.43
C ARG A 37 26.62 -3.40 -7.16
N LEU A 38 27.13 -2.16 -7.08
CA LEU A 38 26.48 -1.01 -7.77
C LEU A 38 26.51 -1.21 -9.30
N GLU A 39 27.57 -1.78 -9.89
CA GLU A 39 27.64 -2.02 -11.36
C GLU A 39 26.60 -3.05 -11.78
N LYS A 40 26.45 -4.15 -11.05
CA LYS A 40 25.40 -5.16 -11.34
C LYS A 40 24.02 -4.52 -11.26
N MET A 41 23.81 -3.72 -10.23
CA MET A 41 22.55 -2.94 -10.06
C MET A 41 22.27 -2.12 -11.34
N LYS A 42 23.26 -1.36 -11.82
CA LYS A 42 23.08 -0.57 -13.06
C LYS A 42 22.74 -1.53 -14.20
N LYS A 43 23.42 -2.68 -14.26
CA LYS A 43 23.24 -3.66 -15.38
C LYS A 43 21.79 -4.17 -15.37
N HIS A 44 21.13 -4.25 -14.22
CA HIS A 44 19.73 -4.71 -14.13
C HIS A 44 18.78 -3.55 -14.49
N GLY A 45 19.36 -2.37 -14.75
CA GLY A 45 18.65 -1.13 -15.17
C GLY A 45 18.23 -0.25 -14.00
N LEU A 46 18.83 -0.38 -12.83
CA LEU A 46 18.52 0.49 -11.67
C LEU A 46 19.32 1.78 -11.85
N ASN A 47 18.68 2.95 -11.64
CA ASN A 47 19.25 4.33 -11.76
C ASN A 47 19.42 4.97 -10.38
N THR A 48 18.98 4.29 -9.31
CA THR A 48 18.98 4.81 -7.92
C THR A 48 19.40 3.72 -6.89
N VAL A 49 20.20 4.15 -5.92
CA VAL A 49 20.55 3.32 -4.73
C VAL A 49 20.02 4.03 -3.50
N ASP A 50 19.26 3.29 -2.71
CA ASP A 50 18.73 3.64 -1.37
C ASP A 50 19.69 3.10 -0.30
N THR A 51 19.95 3.90 0.74
CA THR A 51 20.60 3.41 1.98
C THR A 51 20.15 4.21 3.21
N TYR A 52 20.06 3.51 4.32
CA TYR A 52 20.02 4.06 5.67
C TYR A 52 21.40 4.64 5.94
N VAL A 53 21.43 5.59 6.85
CA VAL A 53 22.61 5.98 7.65
C VAL A 53 22.21 5.73 9.10
N ALA A 54 22.98 4.88 9.79
CA ALA A 54 22.65 4.36 11.14
C ALA A 54 23.46 5.15 12.17
N TRP A 55 22.73 5.94 12.96
CA TRP A 55 23.25 6.77 14.07
C TRP A 55 24.22 5.95 14.89
N ASN A 56 23.81 4.75 15.36
CA ASN A 56 24.63 3.96 16.33
C ASN A 56 25.93 3.43 15.69
N TRP A 57 26.01 3.35 14.37
CA TRP A 57 27.17 2.86 13.59
C TRP A 57 28.22 3.96 13.42
N HIS A 58 27.78 5.15 13.05
CA HIS A 58 28.67 6.33 12.78
C HIS A 58 29.00 7.06 14.07
N GLU A 59 28.20 6.87 15.12
CA GLU A 59 28.52 7.35 16.48
C GLU A 59 28.52 6.20 17.48
N PRO A 60 29.47 5.23 17.35
CA PRO A 60 29.51 4.05 18.23
C PRO A 60 29.63 4.38 19.72
N GLU A 61 30.20 5.53 20.04
CA GLU A 61 30.30 6.05 21.43
C GLU A 61 30.02 7.55 21.38
N GLU A 62 29.42 8.09 22.43
CA GLU A 62 29.02 9.50 22.49
C GLU A 62 30.23 10.34 22.05
N GLY A 63 30.10 11.11 20.96
CA GLY A 63 31.12 12.10 20.54
C GLY A 63 32.07 11.55 19.47
N LYS A 64 32.12 10.23 19.27
CA LYS A 64 33.10 9.57 18.39
C LYS A 64 32.39 9.26 17.07
N PHE A 65 32.35 10.25 16.19
CA PHE A 65 31.74 10.13 14.86
C PHE A 65 32.76 9.55 13.91
N ASP A 66 32.33 8.74 12.93
CA ASP A 66 33.20 8.23 11.85
C ASP A 66 32.29 8.01 10.62
N PHE A 67 32.56 8.80 9.58
CA PHE A 67 31.81 8.87 8.30
C PHE A 67 32.76 8.57 7.14
N ILE A 68 34.00 8.26 7.47
CA ILE A 68 35.06 8.04 6.45
C ILE A 68 35.71 6.68 6.65
N GLY A 69 35.29 5.92 7.65
CA GLY A 69 35.85 4.58 7.90
C GLY A 69 37.26 4.68 8.43
N GLU A 70 37.56 5.68 9.26
CA GLU A 70 38.74 5.68 10.16
C GLU A 70 38.81 4.34 10.88
N THR A 71 37.66 3.91 11.38
CA THR A 71 37.55 2.97 12.50
C THR A 71 37.04 1.62 11.98
N HIS A 72 36.24 1.61 10.93
CA HIS A 72 35.72 0.38 10.28
C HIS A 72 35.48 0.73 8.81
N PRO A 73 35.95 -0.09 7.85
CA PRO A 73 35.80 0.28 6.44
C PRO A 73 34.35 0.70 6.12
N GLN A 74 33.38 -0.01 6.69
CA GLN A 74 31.94 0.17 6.38
C GLN A 74 31.34 1.37 7.11
N ARG A 75 32.13 2.24 7.76
CA ARG A 75 31.64 3.49 8.37
C ARG A 75 31.88 4.66 7.40
N ASP A 76 32.34 4.35 6.18
CA ASP A 76 32.78 5.29 5.12
C ASP A 76 31.56 5.74 4.29
N LEU A 77 30.63 6.46 4.91
CA LEU A 77 29.49 7.09 4.23
C LEU A 77 30.02 7.98 3.09
N ILE A 78 30.98 8.85 3.40
CA ILE A 78 31.49 9.81 2.38
C ILE A 78 31.88 8.99 1.15
N GLY A 79 32.70 7.97 1.34
CA GLY A 79 33.17 7.16 0.20
C GLY A 79 32.00 6.53 -0.58
N PHE A 80 31.00 6.03 0.11
CA PHE A 80 29.87 5.36 -0.59
C PHE A 80 29.14 6.39 -1.48
N LEU A 81 28.96 7.61 -0.96
CA LEU A 81 28.28 8.71 -1.70
C LEU A 81 29.11 9.06 -2.93
N GLU A 82 30.42 9.00 -2.78
CA GLU A 82 31.35 9.41 -3.86
C GLU A 82 31.26 8.38 -4.98
N LEU A 83 31.30 7.09 -4.64
CA LEU A 83 31.23 5.99 -5.63
C LEU A 83 29.86 5.98 -6.38
N ALA A 84 28.74 6.11 -5.66
CA ALA A 84 27.39 6.21 -6.25
C ALA A 84 27.35 7.34 -7.30
N GLN A 85 27.85 8.52 -6.95
CA GLN A 85 27.96 9.66 -7.90
C GLN A 85 28.90 9.31 -9.06
N ASP A 86 30.07 8.69 -8.79
CA ASP A 86 31.02 8.23 -9.83
C ASP A 86 30.34 7.32 -10.86
N LEU A 87 29.48 6.38 -10.46
CA LEU A 87 28.86 5.39 -11.38
C LEU A 87 27.55 5.93 -11.95
N GLY A 88 27.19 7.16 -11.59
CA GLY A 88 26.01 7.88 -12.13
C GLY A 88 24.71 7.27 -11.62
N LEU A 89 24.64 6.98 -10.31
CA LEU A 89 23.41 6.60 -9.61
C LEU A 89 22.96 7.78 -8.75
N TYR A 90 21.65 8.01 -8.75
CA TYR A 90 20.96 8.82 -7.74
C TYR A 90 20.94 8.08 -6.41
N VAL A 91 20.94 8.85 -5.33
CA VAL A 91 20.87 8.32 -3.94
C VAL A 91 19.61 8.83 -3.27
N ILE A 92 18.89 7.92 -2.63
CA ILE A 92 17.92 8.22 -1.57
C ILE A 92 18.59 7.89 -0.26
N ILE A 93 18.61 8.84 0.65
CA ILE A 93 19.31 8.73 1.95
C ILE A 93 18.23 8.77 3.01
N ARG A 94 18.28 7.81 3.93
CA ARG A 94 17.32 7.68 5.05
C ARG A 94 18.11 7.66 6.34
N PRO A 95 18.43 8.85 6.92
CA PRO A 95 19.30 8.97 8.09
C PRO A 95 18.61 8.84 9.48
N GLY A 96 17.35 8.41 9.49
CA GLY A 96 16.59 8.08 10.71
C GLY A 96 16.21 9.33 11.50
N PRO A 97 16.13 9.23 12.84
CA PRO A 97 17.17 8.60 13.66
C PRO A 97 16.88 7.09 13.77
N TYR A 98 15.60 6.70 13.83
CA TYR A 98 15.16 5.29 13.73
C TYR A 98 15.17 4.84 12.28
N ILE A 99 15.81 3.69 11.99
CA ILE A 99 15.89 3.11 10.62
C ILE A 99 15.34 1.66 10.57
N CYS A 100 14.72 1.15 11.64
CA CYS A 100 14.20 -0.27 11.61
C CYS A 100 15.38 -1.14 11.15
N GLY A 101 15.24 -1.73 9.98
CA GLY A 101 16.32 -2.41 9.25
C GLY A 101 16.74 -3.74 9.87
N GLU A 102 16.07 -4.27 10.91
CA GLU A 102 16.45 -5.55 11.61
C GLU A 102 17.83 -5.34 12.27
N TRP A 103 18.10 -4.07 12.59
CA TRP A 103 19.38 -3.51 13.03
C TRP A 103 19.24 -3.17 14.51
N LYS A 104 20.31 -3.39 15.30
CA LYS A 104 20.31 -3.18 16.76
C LYS A 104 19.64 -1.82 17.10
N ASN A 105 18.59 -1.85 17.92
CA ASN A 105 17.88 -0.63 18.42
C ASN A 105 17.31 0.23 17.28
N GLY A 106 17.19 -0.32 16.07
CA GLY A 106 16.79 0.42 14.85
C GLY A 106 17.63 1.67 14.65
N GLY A 107 18.93 1.57 14.92
CA GLY A 107 19.88 2.67 14.72
C GLY A 107 20.13 3.46 15.99
N ILE A 108 19.32 3.29 17.04
CA ILE A 108 19.47 4.11 18.27
C ILE A 108 20.66 3.59 19.09
N PRO A 109 21.61 4.47 19.47
CA PRO A 109 22.78 4.02 20.22
C PRO A 109 22.40 3.40 21.56
N GLU A 110 23.01 2.26 21.86
CA GLU A 110 22.91 1.62 23.18
C GLU A 110 23.41 2.56 24.29
N TRP A 111 24.52 3.28 24.09
CA TRP A 111 25.05 4.24 25.11
C TRP A 111 23.94 5.23 25.47
N LEU A 112 23.02 5.54 24.56
CA LEU A 112 21.99 6.60 24.82
C LEU A 112 20.93 6.04 25.75
N ILE A 113 20.44 4.85 25.43
CA ILE A 113 19.45 4.11 26.24
C ILE A 113 20.03 3.81 27.62
N ASN A 114 21.28 3.35 27.67
CA ASN A 114 21.94 3.05 28.97
C ASN A 114 22.15 4.34 29.78
N LYS A 115 22.53 5.47 29.17
CA LYS A 115 22.74 6.76 29.88
C LYS A 115 21.40 7.30 30.39
N HIS A 116 20.36 7.29 29.55
CA HIS A 116 19.13 8.07 29.84
C HIS A 116 17.94 7.13 29.71
N PRO A 117 17.78 6.18 30.64
CA PRO A 117 16.67 5.23 30.55
C PRO A 117 15.30 5.91 30.72
N GLU A 118 15.32 7.12 31.26
CA GLU A 118 14.10 7.90 31.52
C GLU A 118 13.43 8.14 30.17
N ILE A 119 14.17 8.06 29.06
CA ILE A 119 13.57 8.31 27.72
C ILE A 119 12.73 7.13 27.27
N LEU A 120 12.82 5.97 27.97
CA LEU A 120 12.20 4.73 27.47
C LEU A 120 10.70 4.77 27.73
N ALA A 121 9.92 4.40 26.74
CA ALA A 121 8.45 4.34 26.86
C ALA A 121 8.10 3.24 27.86
N ARG A 122 6.99 3.42 28.56
CA ARG A 122 6.58 2.54 29.68
C ARG A 122 5.24 1.90 29.38
N GLY A 123 5.05 0.71 29.93
CA GLY A 123 3.75 0.08 30.00
C GLY A 123 2.91 0.73 31.08
N PRO A 124 1.64 0.28 31.17
CA PRO A 124 0.69 0.80 32.13
C PRO A 124 0.99 0.36 33.57
N ASN A 125 1.74 -0.71 33.78
CA ASN A 125 1.99 -1.16 35.16
C ASN A 125 3.47 -1.03 35.45
N GLY A 126 4.22 -0.34 34.59
CA GLY A 126 5.65 -0.19 34.83
C GLY A 126 6.48 -0.27 33.58
N PRO A 127 7.81 -0.40 33.75
CA PRO A 127 8.73 -0.35 32.62
C PRO A 127 8.45 -1.54 31.69
N LEU A 128 8.76 -1.40 30.41
CA LEU A 128 8.77 -2.55 29.50
C LEU A 128 10.05 -3.33 29.79
N PRO A 129 10.08 -4.64 29.44
CA PRO A 129 11.32 -5.39 29.52
C PRO A 129 12.39 -4.67 28.68
N ARG A 130 13.64 -4.76 29.12
CA ARG A 130 14.79 -4.06 28.54
C ARG A 130 15.43 -4.86 27.40
N ASP A 131 15.17 -6.15 27.27
CA ASP A 131 15.87 -7.01 26.27
C ASP A 131 15.01 -7.19 25.00
N ILE A 132 13.97 -6.37 24.79
CA ILE A 132 13.06 -6.46 23.61
C ILE A 132 13.72 -5.73 22.43
N TYR A 133 13.39 -6.10 21.20
CA TYR A 133 13.95 -5.47 20.00
C TYR A 133 13.45 -4.01 19.94
N TYR A 134 14.22 -3.12 19.32
CA TYR A 134 13.86 -1.68 19.16
C TYR A 134 13.25 -1.16 20.47
N PRO A 135 14.02 -1.13 21.57
CA PRO A 135 13.55 -0.53 22.82
C PRO A 135 12.74 0.74 22.55
N PRO A 136 11.41 0.68 22.77
CA PRO A 136 10.54 1.81 22.52
C PRO A 136 10.92 3.07 23.33
N ILE A 137 10.90 4.21 22.64
CA ILE A 137 11.32 5.50 23.25
C ILE A 137 10.17 6.50 23.19
N THR A 138 9.98 7.23 24.28
CA THR A 138 9.03 8.36 24.31
C THR A 138 9.53 9.41 23.34
N TYR A 139 8.97 9.44 22.14
CA TYR A 139 9.35 10.33 21.01
C TYR A 139 9.51 11.78 21.50
N LEU A 140 8.59 12.22 22.36
CA LEU A 140 8.49 13.65 22.68
C LEU A 140 9.26 13.91 23.98
N HIS A 141 10.04 12.98 24.50
CA HIS A 141 10.90 13.27 25.67
C HIS A 141 11.95 14.27 25.23
N PRO A 142 12.15 15.42 25.91
CA PRO A 142 13.15 16.40 25.48
C PRO A 142 14.58 15.86 25.31
N THR A 143 14.98 14.89 26.14
CA THR A 143 16.37 14.34 26.11
C THR A 143 16.54 13.52 24.84
N TYR A 144 15.52 12.77 24.48
CA TYR A 144 15.59 12.00 23.24
C TYR A 144 15.80 12.98 22.08
N LEU A 145 14.86 13.90 21.92
CA LEU A 145 14.87 14.95 20.85
C LEU A 145 16.18 15.74 20.90
N GLY A 146 16.70 16.11 22.08
CA GLY A 146 18.02 16.77 22.16
C GLY A 146 19.09 15.90 21.49
N TYR A 147 19.08 14.58 21.73
CA TYR A 147 20.14 13.71 21.20
C TYR A 147 19.99 13.53 19.69
N VAL A 148 18.74 13.44 19.23
CA VAL A 148 18.46 13.32 17.77
C VAL A 148 19.02 14.51 17.00
N MET A 149 18.74 15.72 17.50
CA MET A 149 19.25 17.00 16.94
C MET A 149 20.77 16.92 16.85
N LYS A 150 21.44 16.40 17.89
CA LYS A 150 22.91 16.17 17.87
C LYS A 150 23.27 15.27 16.68
N TRP A 151 22.50 14.21 16.43
CA TRP A 151 22.80 13.27 15.32
C TRP A 151 22.59 14.01 13.97
N TYR A 152 21.44 14.64 13.82
CA TYR A 152 21.08 15.43 12.60
C TYR A 152 22.17 16.48 12.31
N GLU A 153 22.68 17.15 13.34
CA GLU A 153 23.73 18.19 13.19
C GLU A 153 25.02 17.61 12.61
N GLN A 154 25.26 16.30 12.73
CA GLN A 154 26.50 15.67 12.23
C GLN A 154 26.28 15.08 10.85
N VAL A 155 25.19 14.35 10.67
CA VAL A 155 24.98 13.69 9.36
C VAL A 155 24.43 14.74 8.37
N PHE A 156 23.67 15.74 8.78
CA PHE A 156 23.05 16.64 7.74
C PHE A 156 24.06 17.54 7.04
N PRO A 157 25.14 18.04 7.66
CA PRO A 157 26.18 18.69 6.86
C PRO A 157 26.74 17.82 5.72
N ILE A 158 26.82 16.52 5.90
CA ILE A 158 27.35 15.65 4.83
C ILE A 158 26.29 15.48 3.74
N ILE A 159 25.05 15.23 4.14
CA ILE A 159 23.91 15.03 3.21
C ILE A 159 23.82 16.30 2.34
N LYS A 160 23.79 17.46 3.01
CA LYS A 160 23.74 18.80 2.38
C LYS A 160 24.77 18.88 1.24
N ASP A 161 26.03 18.48 1.50
CA ASP A 161 27.14 18.50 0.52
C ASP A 161 26.92 17.53 -0.65
N TYR A 162 26.14 16.48 -0.49
CA TYR A 162 25.96 15.46 -1.57
C TYR A 162 24.56 15.56 -2.17
N LEU A 163 23.82 16.61 -1.82
CA LEU A 163 22.51 16.90 -2.45
C LEU A 163 22.76 17.15 -3.93
N TYR A 164 21.84 16.68 -4.76
CA TYR A 164 21.79 16.97 -6.21
C TYR A 164 21.93 18.48 -6.49
N THR A 165 21.37 19.31 -5.60
CA THR A 165 21.36 20.78 -5.72
C THR A 165 22.73 21.36 -5.33
N LYS A 166 23.57 20.56 -4.69
CA LYS A 166 24.89 21.06 -4.24
C LYS A 166 25.98 20.43 -5.13
N GLY A 167 25.58 19.76 -6.20
CA GLY A 167 26.51 19.00 -7.08
C GLY A 167 26.59 17.50 -6.74
N GLY A 168 25.91 16.97 -5.70
CA GLY A 168 26.03 15.53 -5.35
C GLY A 168 24.93 14.67 -5.97
N PRO A 169 24.83 13.37 -5.60
CA PRO A 169 23.81 12.45 -6.14
C PRO A 169 22.48 12.27 -5.38
N ILE A 170 22.36 12.88 -4.19
CA ILE A 170 21.20 12.67 -3.28
C ILE A 170 20.00 13.44 -3.82
N ILE A 171 18.92 12.73 -4.13
CA ILE A 171 17.73 13.37 -4.74
C ILE A 171 16.60 13.39 -3.72
N ASN A 172 16.71 12.73 -2.55
CA ASN A 172 15.58 12.64 -1.57
C ASN A 172 16.14 12.25 -0.22
N VAL A 173 15.49 12.77 0.81
CA VAL A 173 15.81 12.48 2.23
C VAL A 173 14.52 11.97 2.85
N THR A 174 14.57 10.80 3.47
CA THR A 174 13.39 10.18 4.12
C THR A 174 13.49 10.39 5.64
N ILE A 175 12.36 10.72 6.28
CA ILE A 175 12.27 10.98 7.74
C ILE A 175 12.06 9.66 8.46
N ASP A 176 12.96 9.36 9.40
CA ASP A 176 12.80 8.26 10.38
C ASP A 176 12.49 6.99 9.59
N ASP A 177 11.62 6.12 10.12
CA ASP A 177 11.25 4.88 9.41
C ASP A 177 9.86 4.40 9.89
N GLU A 178 8.87 4.41 8.99
CA GLU A 178 7.50 3.85 9.23
C GLU A 178 7.14 4.08 10.70
N PRO A 179 7.27 5.35 11.14
CA PRO A 179 7.25 5.66 12.56
C PRO A 179 5.92 5.15 13.12
N SER A 180 6.01 4.25 14.11
CA SER A 180 4.92 3.40 14.63
C SER A 180 4.98 3.34 16.15
N TYR A 181 5.67 4.29 16.78
CA TYR A 181 5.94 4.23 18.23
C TYR A 181 6.72 2.92 18.51
N TRP A 182 7.69 2.64 17.63
CA TRP A 182 8.63 1.50 17.80
C TRP A 182 7.83 0.19 17.73
N GLU A 183 6.88 0.14 16.77
CA GLU A 183 5.97 -1.02 16.54
C GLU A 183 5.23 -1.34 17.83
N THR A 184 4.77 -0.37 18.60
CA THR A 184 3.94 -0.64 19.81
C THR A 184 2.48 -0.22 19.58
N ILE A 185 2.20 0.45 18.47
CA ILE A 185 0.85 1.01 18.18
C ILE A 185 -0.15 -0.12 17.84
N PHE A 186 0.32 -1.32 17.51
CA PHE A 186 -0.50 -2.55 17.27
C PHE A 186 -1.23 -2.97 18.57
N GLN A 187 -0.82 -2.54 19.74
CA GLN A 187 -1.45 -2.96 21.01
C GLN A 187 -2.01 -1.72 21.72
N ALA A 188 -3.28 -1.76 22.09
CA ALA A 188 -3.98 -0.62 22.71
C ALA A 188 -3.21 -0.11 23.93
N PHE A 189 -2.64 -1.00 24.76
CA PHE A 189 -2.19 -0.61 26.11
C PHE A 189 -0.74 -1.03 26.39
N LEU A 190 0.09 -1.21 25.38
CA LEU A 190 1.52 -1.52 25.55
C LEU A 190 2.30 -0.25 25.91
N THR A 191 2.03 0.86 25.23
CA THR A 191 2.65 2.20 25.46
C THR A 191 1.58 3.31 25.31
N ASP A 192 1.90 4.55 25.72
CA ASP A 192 3.12 4.93 26.42
C ASP A 192 2.68 5.67 27.69
N TYR A 193 3.12 5.19 28.86
CA TYR A 193 2.65 5.68 30.18
C TYR A 193 3.81 6.39 30.87
N ASN A 194 4.79 6.83 30.08
CA ASN A 194 5.90 7.70 30.57
C ASN A 194 5.31 8.97 31.19
N ASP A 195 5.99 9.54 32.18
CA ASP A 195 5.54 10.73 32.95
C ASP A 195 5.18 11.89 32.02
N VAL A 196 6.01 12.19 31.03
CA VAL A 196 5.74 13.35 30.15
C VAL A 196 4.37 13.14 29.47
N VAL A 197 3.94 11.89 29.24
CA VAL A 197 2.67 11.60 28.54
C VAL A 197 1.49 11.80 29.50
N VAL A 198 1.64 11.31 30.74
CA VAL A 198 0.50 10.98 31.65
C VAL A 198 0.45 11.84 32.89
N LYS A 199 1.52 12.56 33.25
CA LYS A 199 1.45 13.56 34.37
C LYS A 199 0.32 14.56 34.12
N PRO A 200 -0.25 15.14 35.19
CA PRO A 200 -1.30 16.14 35.07
C PRO A 200 -0.82 17.28 34.15
N ASN A 201 -1.65 17.64 33.18
CA ASN A 201 -1.30 18.64 32.14
C ASN A 201 -0.13 18.14 31.30
N GLY A 202 0.03 16.82 31.17
CA GLY A 202 1.00 16.18 30.27
C GLY A 202 0.44 16.14 28.86
N LEU A 203 1.07 15.38 27.97
CA LEU A 203 0.73 15.42 26.54
C LEU A 203 -0.70 14.89 26.36
N TRP A 204 -1.12 13.92 27.17
CA TRP A 204 -2.49 13.33 27.11
C TRP A 204 -3.54 14.41 27.42
N HIS A 205 -3.43 15.10 28.53
CA HIS A 205 -4.33 16.20 28.97
C HIS A 205 -4.29 17.33 27.93
N LYS A 206 -3.12 17.69 27.43
CA LYS A 206 -2.95 18.72 26.38
C LYS A 206 -3.75 18.31 25.14
N TRP A 207 -3.58 17.07 24.69
CA TRP A 207 -4.20 16.62 23.42
C TRP A 207 -5.74 16.61 23.55
N LEU A 208 -6.26 16.19 24.71
CA LEU A 208 -7.72 16.07 24.95
C LEU A 208 -8.29 17.49 24.83
N ARG A 209 -7.63 18.42 25.51
CA ARG A 209 -7.97 19.87 25.64
C ARG A 209 -8.12 20.47 24.25
N GLU A 210 -7.21 20.11 23.35
CA GLU A 210 -7.11 20.66 21.97
C GLU A 210 -8.11 20.02 21.03
N THR A 211 -8.50 18.79 21.31
CA THR A 211 -9.34 17.99 20.41
C THR A 211 -10.80 18.18 20.77
N PHE A 212 -11.14 18.30 22.06
CA PHE A 212 -12.52 18.09 22.58
C PHE A 212 -12.91 19.11 23.62
N SER A 213 -14.21 19.41 23.70
CA SER A 213 -14.76 20.13 24.87
C SER A 213 -15.06 19.09 25.93
N LEU A 214 -15.10 19.50 27.19
CA LEU A 214 -15.54 18.64 28.30
C LEU A 214 -16.94 18.10 28.01
N ASP A 215 -17.81 18.95 27.47
CA ASP A 215 -19.22 18.58 27.12
C ASP A 215 -19.20 17.42 26.12
N GLN A 216 -18.21 17.39 25.22
CA GLN A 216 -18.03 16.30 24.22
C GLN A 216 -17.49 15.07 24.95
N LEU A 217 -16.54 15.24 25.85
CA LEU A 217 -15.92 14.08 26.54
C LEU A 217 -16.98 13.41 27.41
N GLU A 218 -17.87 14.22 27.97
CA GLU A 218 -18.97 13.72 28.85
C GLU A 218 -19.89 12.78 28.04
N GLU A 219 -20.41 13.18 26.86
CA GLU A 219 -21.23 12.31 25.97
C GLU A 219 -20.44 11.07 25.52
N ARG A 220 -19.15 11.24 25.32
CA ARG A 220 -18.28 10.28 24.59
C ARG A 220 -17.77 9.19 25.54
N TYR A 221 -17.34 9.56 26.75
CA TYR A 221 -16.89 8.60 27.78
C TYR A 221 -18.06 8.29 28.71
N LYS A 222 -19.17 9.01 28.59
CA LYS A 222 -20.36 8.86 29.47
C LYS A 222 -19.90 8.91 30.94
N GLY A 223 -19.22 10.00 31.31
CA GLY A 223 -18.99 10.38 32.72
C GLY A 223 -19.22 11.86 32.88
N LYS A 224 -19.27 12.33 34.12
CA LYS A 224 -19.15 13.78 34.39
C LYS A 224 -17.67 14.06 34.68
N PHE A 225 -17.18 15.22 34.24
CA PHE A 225 -15.80 15.74 34.44
C PHE A 225 -15.84 17.26 34.49
N SER A 226 -15.18 17.84 35.49
CA SER A 226 -15.07 19.31 35.69
C SER A 226 -13.70 19.80 35.20
N ASP A 227 -12.76 18.89 34.95
CA ASP A 227 -11.46 19.26 34.32
C ASP A 227 -10.95 18.10 33.45
N TYR A 228 -10.20 18.45 32.41
CA TYR A 228 -9.48 17.48 31.55
C TYR A 228 -8.51 16.62 32.36
N THR A 229 -7.92 17.16 33.43
CA THR A 229 -6.88 16.46 34.22
C THR A 229 -7.50 15.32 35.04
N GLU A 230 -8.83 15.31 35.21
CA GLU A 230 -9.53 14.17 35.85
C GLU A 230 -9.50 12.92 34.95
N ILE A 231 -9.15 13.04 33.67
CA ILE A 231 -9.28 11.89 32.73
C ILE A 231 -7.92 11.20 32.61
N ALA A 232 -7.77 10.05 33.24
CA ALA A 232 -6.56 9.20 33.15
C ALA A 232 -6.55 8.47 31.81
N PRO A 233 -5.36 8.13 31.28
CA PRO A 233 -5.28 7.34 30.05
C PRO A 233 -5.86 5.96 30.31
N PRO A 234 -6.49 5.32 29.30
CA PRO A 234 -7.05 3.98 29.48
C PRO A 234 -5.93 2.92 29.52
N LYS A 235 -6.16 1.88 30.29
CA LYS A 235 -5.12 0.84 30.50
C LYS A 235 -5.71 -0.55 30.19
N ASP A 236 -6.99 -0.64 29.86
CA ASP A 236 -7.60 -1.97 29.59
C ASP A 236 -8.97 -1.78 28.98
N PHE A 237 -9.57 -2.89 28.59
CA PHE A 237 -10.75 -2.93 27.72
C PHE A 237 -12.00 -2.76 28.60
N SER A 238 -11.89 -2.54 29.90
CA SER A 238 -13.10 -2.20 30.68
C SER A 238 -13.49 -0.76 30.34
N GLU A 239 -12.55 0.03 29.80
CA GLU A 239 -12.72 1.48 29.61
C GLU A 239 -13.59 1.74 28.39
N PRO A 240 -14.29 2.89 28.31
CA PRO A 240 -15.11 3.22 27.14
C PRO A 240 -14.33 3.04 25.82
N LEU A 241 -14.92 2.34 24.86
CA LEU A 241 -14.26 2.12 23.56
C LEU A 241 -13.87 3.46 22.92
N PRO A 242 -14.72 4.52 22.95
CA PRO A 242 -14.33 5.82 22.39
C PRO A 242 -13.00 6.34 22.96
N LYS A 243 -12.79 6.13 24.25
CA LYS A 243 -11.59 6.63 24.97
C LYS A 243 -10.35 5.85 24.51
N ILE A 244 -10.55 4.59 24.14
CA ILE A 244 -9.45 3.72 23.67
C ILE A 244 -9.10 4.11 22.22
N ILE A 245 -10.09 4.37 21.39
CA ILE A 245 -9.87 4.89 20.02
C ILE A 245 -9.09 6.23 20.17
N ASP A 246 -9.47 7.07 21.14
CA ASP A 246 -8.85 8.39 21.38
C ASP A 246 -7.38 8.16 21.76
N TRP A 247 -7.15 7.14 22.58
CA TRP A 247 -5.77 6.83 23.06
C TRP A 247 -4.93 6.43 21.85
N HIS A 248 -5.51 5.66 20.95
CA HIS A 248 -4.90 5.25 19.67
C HIS A 248 -4.55 6.51 18.85
N HIS A 249 -5.54 7.39 18.66
CA HIS A 249 -5.38 8.64 17.88
C HIS A 249 -4.36 9.57 18.54
N PHE A 250 -4.28 9.55 19.87
CA PHE A 250 -3.32 10.36 20.64
C PHE A 250 -1.88 9.87 20.40
N LYS A 251 -1.66 8.56 20.29
CA LYS A 251 -0.29 8.03 20.00
C LYS A 251 0.13 8.49 18.59
N ILE A 252 -0.80 8.45 17.65
CA ILE A 252 -0.59 8.87 16.23
C ILE A 252 -0.25 10.38 16.24
N TRP A 253 -0.90 11.17 17.09
CA TRP A 253 -0.60 12.62 17.17
C TRP A 253 0.84 12.82 17.71
N MET A 254 1.22 12.13 18.79
CA MET A 254 2.62 12.23 19.28
C MET A 254 3.60 11.87 18.14
N THR A 255 3.25 10.88 17.33
CA THR A 255 4.09 10.45 16.18
C THR A 255 4.20 11.62 15.19
N ASN A 256 3.07 12.31 14.95
CA ASN A 256 2.95 13.44 13.98
C ASN A 256 3.83 14.60 14.48
N GLU A 257 3.72 14.92 15.78
CA GLU A 257 4.58 15.91 16.46
C GLU A 257 6.05 15.53 16.30
N TYR A 258 6.39 14.24 16.50
CA TYR A 258 7.78 13.77 16.38
C TYR A 258 8.27 14.13 14.98
N VAL A 259 7.47 13.75 13.99
CA VAL A 259 7.82 13.90 12.55
C VAL A 259 8.00 15.39 12.23
N LYS A 260 7.10 16.24 12.72
CA LYS A 260 7.15 17.70 12.45
C LYS A 260 8.51 18.22 12.96
N THR A 261 8.94 17.84 14.17
CA THR A 261 10.24 18.27 14.76
C THR A 261 11.38 17.87 13.85
N LEU A 262 11.36 16.62 13.39
CA LEU A 262 12.40 16.11 12.45
C LEU A 262 12.34 16.93 11.16
N TYR A 263 11.16 17.11 10.58
CA TYR A 263 11.01 17.87 9.33
C TYR A 263 11.63 19.27 9.46
N HIS A 264 11.40 19.99 10.55
CA HIS A 264 11.84 21.39 10.73
C HIS A 264 13.37 21.44 10.75
N LYS A 265 14.01 20.52 11.47
CA LYS A 265 15.48 20.46 11.55
C LYS A 265 16.03 20.14 10.15
N ILE A 266 15.41 19.19 9.47
CA ILE A 266 15.89 18.76 8.13
C ILE A 266 15.81 19.96 7.18
N GLN A 267 14.76 20.76 7.33
CA GLN A 267 14.47 21.87 6.40
C GLN A 267 15.56 22.92 6.56
N GLU A 268 16.29 22.95 7.67
CA GLU A 268 17.48 23.84 7.79
C GLU A 268 18.59 23.41 6.83
N TYR A 269 18.65 22.15 6.37
CA TYR A 269 19.83 21.65 5.62
C TYR A 269 19.51 21.34 4.14
N VAL A 270 18.24 21.09 3.82
CA VAL A 270 17.92 20.28 2.63
C VAL A 270 16.95 21.02 1.72
N ASP A 271 17.26 21.09 0.43
CA ASP A 271 16.39 21.70 -0.58
C ASP A 271 16.09 20.69 -1.72
N VAL A 272 16.01 19.38 -1.40
CA VAL A 272 15.41 18.36 -2.30
C VAL A 272 14.13 17.86 -1.63
N PRO A 273 13.30 17.08 -2.33
CA PRO A 273 12.12 16.48 -1.71
C PRO A 273 12.46 15.63 -0.49
N VAL A 274 11.60 15.77 0.50
CA VAL A 274 11.65 15.06 1.79
C VAL A 274 10.41 14.18 1.82
N SER A 275 10.62 12.92 2.20
CA SER A 275 9.65 11.80 2.15
C SER A 275 9.47 11.18 3.55
N ILE A 276 8.43 10.36 3.66
CA ILE A 276 8.21 9.48 4.82
C ILE A 276 7.63 8.17 4.30
N LEU A 277 7.94 7.09 4.99
CA LEU A 277 7.45 5.73 4.67
C LEU A 277 6.36 5.33 5.68
N ASP A 278 5.23 4.82 5.16
CA ASP A 278 4.15 4.14 5.88
C ASP A 278 4.08 4.63 7.31
N PRO A 279 3.57 5.85 7.53
CA PRO A 279 3.32 6.34 8.89
C PRO A 279 2.47 5.35 9.71
N TYR A 280 2.88 5.14 10.96
CA TYR A 280 2.20 4.33 12.00
C TYR A 280 2.20 2.84 11.65
N LEU A 281 2.76 2.45 10.51
CA LEU A 281 2.56 1.10 9.91
C LEU A 281 1.07 0.76 9.79
N LEU A 282 0.22 1.76 9.49
CA LEU A 282 -1.24 1.59 9.29
C LEU A 282 -1.61 2.06 7.89
N LEU A 283 -2.89 2.03 7.55
CA LEU A 283 -3.39 2.40 6.21
C LEU A 283 -4.52 3.41 6.38
N ALA A 284 -5.64 3.05 7.00
CA ALA A 284 -6.77 4.01 7.16
C ALA A 284 -6.34 5.19 8.03
N ALA A 285 -5.45 4.98 9.01
CA ALA A 285 -4.95 6.03 9.93
C ALA A 285 -4.18 7.11 9.16
N TRP A 286 -3.86 6.88 7.87
CA TRP A 286 -3.20 7.90 7.01
C TRP A 286 -4.11 9.14 6.89
N ARG A 287 -5.43 9.04 7.13
CA ARG A 287 -6.28 10.25 7.29
C ARG A 287 -5.65 11.22 8.30
N HIS A 288 -5.12 10.73 9.41
CA HIS A 288 -4.56 11.62 10.48
C HIS A 288 -3.28 12.25 9.94
N PHE A 289 -2.54 11.51 9.12
CA PHE A 289 -1.23 11.98 8.60
C PHE A 289 -1.48 13.13 7.62
N TYR A 290 -2.39 12.88 6.67
CA TYR A 290 -2.85 13.86 5.65
C TYR A 290 -3.35 15.14 6.32
N ASN A 291 -4.27 14.99 7.25
CA ASN A 291 -4.86 16.15 7.97
C ASN A 291 -3.73 16.92 8.67
N TYR A 292 -2.77 16.23 9.28
CA TYR A 292 -1.72 16.83 10.14
C TYR A 292 -0.76 17.62 9.26
N ILE A 293 -0.35 17.03 8.15
CA ILE A 293 0.66 17.72 7.32
C ILE A 293 0.02 18.90 6.59
N ARG A 294 -1.25 18.80 6.16
CA ARG A 294 -2.04 19.95 5.58
C ARG A 294 -2.13 21.10 6.58
N LYS A 295 -2.55 20.78 7.79
CA LYS A 295 -2.76 21.75 8.87
C LYS A 295 -1.42 22.39 9.21
N ASN A 296 -0.30 21.65 9.17
CA ASN A 296 1.01 22.16 9.69
C ASN A 296 1.88 22.62 8.52
N ASN A 297 1.33 22.61 7.31
CA ASN A 297 2.06 23.01 6.07
C ASN A 297 3.39 22.25 5.99
N LEU A 298 3.40 20.91 6.04
CA LEU A 298 4.66 20.11 5.91
C LEU A 298 4.68 19.45 4.54
N ASP A 299 5.62 19.86 3.67
CA ASP A 299 5.75 19.32 2.28
C ASP A 299 6.51 17.99 2.37
N ILE A 300 5.78 16.94 2.75
CA ILE A 300 6.35 15.58 2.94
C ILE A 300 5.72 14.69 1.88
N HIS A 301 6.59 14.02 1.12
CA HIS A 301 6.23 13.03 0.09
C HIS A 301 5.94 11.69 0.81
N LEU A 302 4.70 11.24 0.70
CA LEU A 302 4.31 9.96 1.25
C LEU A 302 4.73 8.85 0.27
N TRP A 303 5.43 7.87 0.82
CA TRP A 303 5.97 6.70 0.10
C TRP A 303 5.48 5.46 0.85
N THR A 304 5.55 4.30 0.21
CA THR A 304 4.97 3.06 0.78
C THR A 304 5.91 1.88 0.53
N GLU A 305 5.40 0.69 0.82
CA GLU A 305 6.23 -0.54 0.90
C GLU A 305 5.27 -1.74 0.84
N PHE A 306 5.80 -2.87 0.36
CA PHE A 306 5.10 -4.16 0.19
C PHE A 306 5.94 -5.27 0.82
N TRP A 307 5.47 -5.76 1.96
CA TRP A 307 5.95 -6.96 2.68
C TRP A 307 4.80 -7.97 2.87
N TYR A 308 5.00 -9.20 2.39
CA TYR A 308 3.95 -10.25 2.37
C TYR A 308 4.45 -11.56 3.04
N SER A 309 5.72 -11.90 3.00
CA SER A 309 6.21 -13.17 3.58
C SER A 309 7.45 -12.91 4.43
N PHE A 310 7.43 -13.45 5.65
CA PHE A 310 8.46 -13.25 6.68
C PHE A 310 8.90 -14.61 7.23
N TYR A 311 10.15 -15.00 6.89
CA TYR A 311 10.91 -16.13 7.49
C TYR A 311 10.15 -17.42 7.14
N ARG A 312 9.61 -17.47 5.92
CA ARG A 312 8.98 -18.63 5.25
C ARG A 312 9.21 -18.44 3.74
N SER A 313 8.90 -19.45 2.95
CA SER A 313 8.93 -19.31 1.47
C SER A 313 8.01 -18.14 1.08
N PHE A 314 8.42 -17.38 0.08
CA PHE A 314 7.58 -16.29 -0.46
C PHE A 314 6.25 -16.93 -0.91
N ASP A 315 5.13 -16.34 -0.51
CA ASP A 315 3.75 -16.81 -0.81
C ASP A 315 2.98 -15.60 -1.36
N PHE A 316 2.99 -15.39 -2.68
CA PHE A 316 2.26 -14.26 -3.33
C PHE A 316 1.43 -14.78 -4.50
N LYS A 317 0.19 -15.16 -4.20
CA LYS A 317 -0.74 -15.70 -5.21
C LYS A 317 -2.03 -14.88 -5.14
N GLU A 318 -3.10 -15.43 -5.72
CA GLU A 318 -4.36 -14.71 -5.98
C GLU A 318 -4.89 -14.15 -4.66
N ASP A 319 -4.63 -14.89 -3.61
CA ASP A 319 -5.10 -14.62 -2.23
C ASP A 319 -4.74 -13.20 -1.80
N ARG A 320 -3.66 -12.64 -2.31
CA ARG A 320 -3.15 -11.36 -1.79
C ARG A 320 -3.86 -10.17 -2.44
N LEU A 321 -4.76 -10.41 -3.40
CA LEU A 321 -5.20 -9.32 -4.31
C LEU A 321 -6.02 -8.28 -3.51
N GLY A 322 -6.90 -8.74 -2.60
CA GLY A 322 -7.66 -7.85 -1.70
C GLY A 322 -6.76 -6.83 -1.02
N HIS A 323 -5.76 -7.32 -0.30
CA HIS A 323 -4.88 -6.51 0.55
C HIS A 323 -4.09 -5.51 -0.31
N VAL A 324 -3.57 -5.97 -1.44
CA VAL A 324 -2.71 -5.15 -2.33
C VAL A 324 -3.58 -4.03 -2.99
N TYR A 325 -4.77 -4.37 -3.46
CA TYR A 325 -5.76 -3.43 -4.08
C TYR A 325 -6.09 -2.40 -2.99
N TYR A 326 -6.30 -2.88 -1.76
CA TYR A 326 -6.70 -2.01 -0.62
C TYR A 326 -5.55 -1.08 -0.32
N LYS A 327 -4.35 -1.61 -0.16
CA LYS A 327 -3.20 -0.82 0.34
C LYS A 327 -2.85 0.25 -0.71
N ILE A 328 -2.73 -0.14 -1.98
CA ILE A 328 -2.36 0.77 -3.09
C ILE A 328 -3.56 1.70 -3.42
N GLY A 329 -4.81 1.24 -3.39
CA GLY A 329 -5.96 2.18 -3.45
C GLY A 329 -5.91 3.25 -2.36
N THR A 330 -5.56 2.85 -1.13
CA THR A 330 -5.42 3.80 -0.01
C THR A 330 -4.27 4.77 -0.36
N TYR A 331 -3.12 4.27 -0.79
CA TYR A 331 -1.92 5.08 -1.08
C TYR A 331 -2.28 6.08 -2.20
N ARG A 332 -2.88 5.57 -3.26
CA ARG A 332 -3.27 6.30 -4.49
C ARG A 332 -4.22 7.43 -4.09
N TYR A 333 -5.17 7.16 -3.19
CA TYR A 333 -6.07 8.21 -2.66
C TYR A 333 -5.24 9.36 -2.11
N TYR A 334 -4.26 9.08 -1.28
CA TYR A 334 -3.50 10.13 -0.55
C TYR A 334 -2.48 10.84 -1.48
N VAL A 335 -1.78 10.15 -2.37
CA VAL A 335 -0.73 10.86 -3.16
C VAL A 335 -1.40 11.66 -4.26
N ASN A 336 -2.63 11.29 -4.64
CA ASN A 336 -3.43 12.07 -5.62
C ASN A 336 -3.85 13.38 -4.94
N LYS A 337 -4.31 13.34 -3.68
CA LYS A 337 -4.71 14.56 -2.96
C LYS A 337 -3.46 15.40 -2.69
N LEU A 338 -2.35 14.80 -2.31
CA LEU A 338 -1.15 15.58 -1.96
C LEU A 338 -0.40 15.96 -3.25
N ASN A 339 -0.65 15.27 -4.38
CA ASN A 339 -0.04 15.65 -5.67
C ASN A 339 1.48 15.43 -5.60
N THR A 340 1.90 14.28 -5.07
CA THR A 340 3.33 13.88 -4.97
C THR A 340 3.51 12.54 -5.69
N PRO A 341 4.72 12.23 -6.20
CA PRO A 341 4.89 11.04 -7.02
C PRO A 341 4.71 9.80 -6.16
N PRO A 342 3.99 8.79 -6.68
CA PRO A 342 3.82 7.52 -5.99
C PRO A 342 5.14 6.74 -6.05
N LEU A 343 5.63 6.30 -4.91
CA LEU A 343 6.93 5.55 -4.84
C LEU A 343 6.86 4.48 -3.74
N SER A 344 7.23 3.26 -4.09
CA SER A 344 7.43 2.14 -3.14
C SER A 344 8.92 2.07 -2.84
N ILE A 345 9.33 2.56 -1.68
CA ILE A 345 10.78 2.65 -1.31
C ILE A 345 11.25 1.27 -0.77
N GLU A 346 10.32 0.39 -0.43
CA GLU A 346 10.63 -1.00 0.05
C GLU A 346 9.62 -1.98 -0.57
N THR A 347 10.01 -2.53 -1.71
CA THR A 347 9.30 -3.60 -2.44
C THR A 347 10.02 -4.93 -2.13
N GLN A 348 9.36 -5.85 -1.43
CA GLN A 348 9.98 -7.08 -0.91
C GLN A 348 10.81 -7.76 -2.00
N SER A 349 12.11 -7.86 -1.76
CA SER A 349 13.03 -8.68 -2.58
C SER A 349 13.96 -9.51 -1.68
N SER A 350 13.63 -9.64 -0.38
CA SER A 350 14.43 -10.39 0.64
C SER A 350 13.56 -10.78 1.86
N LEU A 351 14.14 -11.58 2.79
CA LEU A 351 13.52 -12.02 4.08
C LEU A 351 12.39 -13.04 3.85
N ALA A 352 12.21 -13.51 2.61
CA ALA A 352 11.53 -14.78 2.31
C ALA A 352 12.62 -15.78 1.87
N ASN A 353 12.52 -17.01 2.33
CA ASN A 353 13.51 -18.09 2.15
C ASN A 353 13.88 -18.23 0.65
N VAL A 354 12.88 -18.21 -0.22
CA VAL A 354 13.03 -18.33 -1.70
C VAL A 354 11.93 -17.46 -2.29
N ILE A 355 12.28 -16.57 -3.22
CA ILE A 355 11.31 -15.70 -3.91
C ILE A 355 11.23 -16.19 -5.35
N GLU A 356 10.17 -16.94 -5.67
CA GLU A 356 9.93 -17.51 -7.02
C GLU A 356 9.52 -16.39 -7.97
N LYS A 357 10.09 -16.40 -9.19
CA LYS A 357 10.04 -15.26 -10.15
C LYS A 357 8.59 -14.97 -10.62
N ASP A 358 7.72 -15.96 -10.76
CA ASP A 358 6.32 -15.75 -11.21
C ASP A 358 5.53 -15.10 -10.06
N GLU A 359 5.80 -15.49 -8.80
CA GLU A 359 5.13 -14.85 -7.63
C GLU A 359 5.71 -13.44 -7.44
N ALA A 360 7.02 -13.25 -7.53
CA ALA A 360 7.66 -11.91 -7.46
C ALA A 360 7.11 -11.03 -8.59
N GLU A 361 6.94 -11.60 -9.80
CA GLU A 361 6.42 -10.87 -11.00
C GLU A 361 5.01 -10.35 -10.73
N LEU A 362 4.22 -11.14 -10.03
CA LEU A 362 2.81 -10.80 -9.73
C LEU A 362 2.80 -9.60 -8.77
N LEU A 363 3.57 -9.70 -7.68
CA LEU A 363 3.69 -8.54 -6.76
C LEU A 363 4.26 -7.32 -7.53
N TYR A 364 5.44 -7.45 -8.14
CA TYR A 364 6.17 -6.31 -8.74
C TYR A 364 5.35 -5.73 -9.90
N GLY A 365 4.66 -6.60 -10.63
CA GLY A 365 3.80 -6.22 -11.76
C GLY A 365 2.56 -5.50 -11.28
N LEU A 366 2.06 -5.84 -10.10
CA LEU A 366 0.85 -5.20 -9.56
C LEU A 366 1.12 -3.73 -9.14
N LEU A 367 2.34 -3.34 -8.79
CA LEU A 367 2.59 -1.96 -8.26
C LEU A 367 2.27 -0.93 -9.34
N PRO A 368 2.88 -1.01 -10.52
CA PRO A 368 2.56 -0.09 -11.60
C PRO A 368 1.13 -0.31 -12.06
N SER A 369 0.66 -1.54 -12.13
CA SER A 369 -0.75 -1.81 -12.51
C SER A 369 -1.68 -0.86 -11.74
N LEU A 370 -1.50 -0.74 -10.43
CA LEU A 370 -2.47 -0.08 -9.53
C LEU A 370 -2.01 1.35 -9.23
N GLY A 371 -0.89 1.77 -9.81
CA GLY A 371 -0.52 3.18 -9.95
C GLY A 371 0.78 3.53 -9.29
N ILE A 372 1.60 2.55 -8.89
CA ILE A 372 2.93 2.90 -8.30
C ILE A 372 4.00 2.52 -9.32
N HIS A 373 4.47 3.56 -10.01
CA HIS A 373 5.35 3.44 -11.20
C HIS A 373 6.77 3.90 -10.85
N ASN A 374 7.03 4.26 -9.60
CA ASN A 374 8.40 4.49 -9.09
C ASN A 374 8.69 3.43 -8.03
N ILE A 375 9.77 2.66 -8.20
CA ILE A 375 9.96 1.40 -7.45
C ILE A 375 11.41 1.24 -7.00
N ASN A 376 11.58 1.03 -5.69
CA ASN A 376 12.84 0.59 -5.05
C ASN A 376 12.69 -0.82 -4.43
N TYR A 377 13.61 -1.72 -4.75
CA TYR A 377 13.60 -3.13 -4.28
C TYR A 377 14.54 -3.27 -3.06
N TYR A 378 13.95 -3.76 -1.97
CA TYR A 378 14.54 -3.86 -0.61
C TYR A 378 14.35 -5.30 -0.14
N LEU A 379 15.45 -5.95 0.26
CA LEU A 379 16.82 -5.46 0.20
C LEU A 379 17.47 -5.99 -1.09
N TYR A 380 18.12 -5.12 -1.88
CA TYR A 380 18.64 -5.53 -3.20
C TYR A 380 19.95 -6.33 -3.08
N VAL A 381 20.82 -5.90 -2.20
CA VAL A 381 22.22 -6.41 -2.13
C VAL A 381 22.40 -7.05 -0.76
N GLY A 382 22.57 -8.38 -0.77
CA GLY A 382 22.81 -9.18 0.43
C GLY A 382 24.08 -8.74 1.13
N GLY A 383 23.98 -8.59 2.46
CA GLY A 383 25.10 -8.34 3.36
C GLY A 383 25.14 -9.23 4.60
N GLU A 384 25.74 -8.64 5.63
CA GLU A 384 26.23 -9.31 6.86
C GLU A 384 26.27 -8.21 7.93
N ASN A 385 25.90 -8.53 9.16
CA ASN A 385 25.79 -7.54 10.24
C ASN A 385 27.11 -7.55 10.98
N PRO A 386 27.79 -6.40 11.15
CA PRO A 386 28.96 -6.33 12.02
C PRO A 386 28.54 -6.73 13.44
N ARG A 387 29.46 -7.40 14.11
CA ARG A 387 29.32 -7.88 15.51
C ARG A 387 28.98 -6.68 16.40
N GLY A 388 28.01 -6.87 17.29
CA GLY A 388 27.46 -5.81 18.17
C GLY A 388 26.21 -5.18 17.57
N TYR A 389 25.96 -5.33 16.27
CA TYR A 389 24.86 -4.57 15.60
C TYR A 389 23.74 -5.49 15.09
N GLU A 390 23.82 -6.79 15.42
CA GLU A 390 22.80 -7.85 15.10
C GLU A 390 21.52 -7.50 15.86
N SER A 391 20.37 -7.85 15.29
CA SER A 391 19.05 -7.84 15.99
C SER A 391 18.28 -9.08 15.49
N HIS A 392 17.59 -8.92 14.37
CA HIS A 392 16.51 -9.85 13.95
C HIS A 392 17.04 -11.10 13.22
N ASN A 393 18.31 -11.14 12.74
CA ASN A 393 18.82 -12.17 11.79
C ASN A 393 20.18 -12.80 12.23
N GLY A 394 20.69 -12.47 13.43
CA GLY A 394 22.08 -12.72 13.82
C GLY A 394 23.02 -12.22 12.74
N VAL A 395 24.00 -13.03 12.33
CA VAL A 395 25.09 -12.63 11.40
C VAL A 395 24.52 -12.14 10.05
N THR A 396 23.41 -12.71 9.57
CA THR A 396 23.06 -12.69 8.12
C THR A 396 22.25 -11.45 7.76
N TRP A 397 22.51 -10.88 6.59
CA TRP A 397 21.58 -9.90 5.96
C TRP A 397 21.45 -10.26 4.47
N ASP A 398 21.53 -11.57 4.19
CA ASP A 398 21.34 -12.12 2.83
C ASP A 398 20.31 -13.26 2.95
N VAL A 399 19.03 -12.86 2.96
CA VAL A 399 17.86 -13.79 2.95
C VAL A 399 17.21 -13.60 1.57
N TYR A 400 17.77 -14.30 0.57
CA TYR A 400 17.30 -14.39 -0.83
C TYR A 400 17.17 -12.97 -1.44
N SER A 401 18.20 -12.14 -1.25
CA SER A 401 18.37 -10.84 -1.96
C SER A 401 18.64 -11.08 -3.45
N PRO A 402 18.21 -10.17 -4.34
CA PRO A 402 18.48 -10.34 -5.78
C PRO A 402 19.97 -10.54 -6.11
N ILE A 403 20.83 -9.83 -5.39
CA ILE A 403 22.29 -10.10 -5.43
C ILE A 403 22.70 -10.63 -4.05
N GLY A 404 23.32 -11.80 -3.99
CA GLY A 404 23.74 -12.43 -2.71
C GLY A 404 24.99 -11.76 -2.18
N LEU A 405 25.35 -12.06 -0.91
CA LEU A 405 26.64 -11.70 -0.26
C LEU A 405 27.83 -12.17 -1.11
N ASP A 406 27.65 -13.22 -1.93
CA ASP A 406 28.69 -13.77 -2.82
C ASP A 406 28.65 -13.10 -4.20
N GLY A 407 27.69 -12.19 -4.44
CA GLY A 407 27.52 -11.48 -5.73
C GLY A 407 26.78 -12.31 -6.77
N SER A 408 26.18 -13.45 -6.41
CA SER A 408 25.34 -14.23 -7.34
C SER A 408 24.06 -13.44 -7.60
N GLU A 409 23.43 -13.66 -8.74
CA GLU A 409 22.15 -13.05 -9.17
C GLU A 409 21.02 -14.07 -9.01
N ARG A 410 19.98 -13.78 -8.25
CA ARG A 410 18.93 -14.79 -7.99
C ARG A 410 17.74 -14.50 -8.87
N GLN A 411 16.80 -15.43 -8.95
CA GLN A 411 15.80 -15.58 -10.04
C GLN A 411 14.89 -14.36 -10.20
N HIS A 412 14.60 -13.64 -9.11
CA HIS A 412 13.62 -12.51 -9.06
C HIS A 412 14.21 -11.25 -9.72
N VAL A 413 15.46 -11.28 -10.14
CA VAL A 413 16.07 -10.23 -10.99
C VAL A 413 15.31 -10.15 -12.34
N GLU A 414 14.82 -11.28 -12.88
CA GLU A 414 14.15 -11.34 -14.22
C GLU A 414 12.99 -10.37 -14.25
N PRO A 415 11.97 -10.48 -13.36
CA PRO A 415 10.86 -9.53 -13.37
C PRO A 415 11.33 -8.09 -13.07
N ILE A 416 12.27 -7.92 -12.14
CA ILE A 416 12.85 -6.59 -11.76
C ILE A 416 13.38 -5.90 -13.01
N LYS A 417 14.16 -6.61 -13.83
CA LYS A 417 14.74 -6.05 -15.07
C LYS A 417 13.63 -5.64 -16.04
N TRP A 418 12.71 -6.53 -16.42
CA TRP A 418 11.84 -6.18 -17.57
C TRP A 418 10.85 -5.11 -17.18
N ILE A 419 10.43 -5.01 -15.93
CA ILE A 419 9.48 -3.95 -15.48
C ILE A 419 10.15 -2.57 -15.59
N GLY A 420 11.39 -2.45 -15.14
CA GLY A 420 12.21 -1.25 -15.34
C GLY A 420 12.27 -0.86 -16.79
N GLU A 421 12.62 -1.77 -17.67
CA GLU A 421 12.69 -1.45 -19.09
C GLU A 421 11.33 -0.87 -19.55
N PHE A 422 10.23 -1.53 -19.18
CA PHE A 422 8.88 -1.12 -19.64
C PHE A 422 8.54 0.30 -19.14
N LEU A 423 8.76 0.58 -17.87
CA LEU A 423 8.52 1.91 -17.27
C LEU A 423 9.40 2.97 -17.95
N LYS A 424 10.66 2.66 -18.26
CA LYS A 424 11.59 3.63 -18.91
C LYS A 424 11.12 3.98 -20.32
N ALA A 425 10.67 2.98 -21.06
CA ALA A 425 10.26 3.07 -22.48
C ALA A 425 8.84 3.61 -22.57
N ASN A 426 8.09 3.76 -21.48
CA ASN A 426 6.66 4.12 -21.57
C ASN A 426 6.34 5.09 -20.44
N LYS A 427 7.11 6.17 -20.31
CA LYS A 427 6.91 7.18 -19.25
C LYS A 427 5.47 7.71 -19.29
N ASP A 428 4.79 7.68 -20.43
CA ASP A 428 3.32 7.98 -20.47
C ASP A 428 2.54 7.10 -19.50
N PHE A 429 2.97 5.87 -19.27
CA PHE A 429 2.29 4.98 -18.30
C PHE A 429 2.16 5.70 -16.94
N ALA A 430 3.20 6.44 -16.55
CA ALA A 430 3.22 7.16 -15.25
C ALA A 430 2.07 8.18 -15.16
N TYR A 431 1.60 8.71 -16.29
CA TYR A 431 0.57 9.78 -16.36
C TYR A 431 -0.81 9.18 -16.66
N SER A 432 -0.90 7.86 -16.72
CA SER A 432 -2.15 7.19 -17.09
C SER A 432 -3.15 7.36 -15.97
N PRO A 433 -4.45 7.44 -16.30
CA PRO A 433 -5.49 7.47 -15.28
C PRO A 433 -5.70 6.09 -14.66
N PHE A 434 -6.32 6.08 -13.49
CA PHE A 434 -7.05 4.96 -12.88
C PHE A 434 -8.53 5.36 -12.73
N ASN A 435 -9.36 5.03 -13.72
CA ASN A 435 -10.76 5.50 -13.76
C ASN A 435 -11.66 4.48 -13.09
N ALA A 436 -11.64 4.38 -11.76
CA ALA A 436 -12.44 3.39 -11.03
C ALA A 436 -13.92 3.77 -11.07
N LYS A 437 -14.81 2.88 -11.49
CA LYS A 437 -16.28 3.10 -11.35
C LYS A 437 -16.71 2.86 -9.91
N VAL A 438 -15.93 2.04 -9.18
CA VAL A 438 -16.33 1.49 -7.86
C VAL A 438 -15.30 1.92 -6.81
N ALA A 439 -15.80 2.26 -5.62
CA ALA A 439 -14.92 2.56 -4.48
C ALA A 439 -15.28 1.63 -3.31
N PHE A 440 -14.25 1.23 -2.57
CA PHE A 440 -14.45 0.74 -1.19
C PHE A 440 -14.23 1.92 -0.24
N ALA A 441 -15.18 2.14 0.63
CA ALA A 441 -15.15 3.26 1.59
C ALA A 441 -14.84 2.70 2.98
N MET A 442 -13.65 3.02 3.49
CA MET A 442 -13.14 2.48 4.77
C MET A 442 -13.51 3.44 5.90
N TYR A 443 -13.85 2.88 7.07
CA TYR A 443 -14.13 3.71 8.27
C TYR A 443 -13.00 3.51 9.25
N GLU A 444 -12.16 4.54 9.46
CA GLU A 444 -10.84 4.34 10.09
C GLU A 444 -10.95 3.65 11.46
N PRO A 445 -11.91 3.98 12.36
CA PRO A 445 -11.90 3.35 13.69
C PRO A 445 -11.94 1.82 13.63
N TYR A 446 -12.50 1.25 12.56
CA TYR A 446 -12.58 -0.20 12.31
C TYR A 446 -11.16 -0.76 12.20
N GLU A 447 -10.26 0.01 11.63
CA GLU A 447 -8.84 -0.43 11.52
C GLU A 447 -8.31 -0.75 12.91
N ALA A 448 -8.52 0.16 13.86
CA ALA A 448 -8.07 0.01 15.26
C ALA A 448 -8.68 -1.27 15.86
N LEU A 449 -9.99 -1.47 15.71
CA LEU A 449 -10.66 -2.68 16.29
C LEU A 449 -10.04 -3.98 15.74
N ASN A 450 -9.83 -4.02 14.42
CA ASN A 450 -9.20 -5.15 13.69
C ASN A 450 -7.77 -5.33 14.19
N LEU A 451 -7.03 -4.24 14.30
CA LEU A 451 -5.65 -4.24 14.80
C LEU A 451 -5.58 -4.97 16.14
N TRP A 452 -6.45 -4.63 17.09
CA TRP A 452 -6.34 -5.12 18.48
C TRP A 452 -6.94 -6.49 18.58
N GLY A 453 -7.93 -6.82 17.73
CA GLY A 453 -8.63 -8.10 17.77
C GLY A 453 -9.54 -8.22 18.99
N HIS A 454 -9.81 -7.15 19.71
CA HIS A 454 -10.73 -7.20 20.89
C HIS A 454 -12.15 -6.93 20.40
N ARG A 455 -13.07 -7.85 20.56
CA ARG A 455 -14.47 -7.58 20.17
C ARG A 455 -15.12 -6.86 21.33
N PRO A 456 -15.64 -5.65 21.15
CA PRO A 456 -16.41 -4.97 22.20
C PRO A 456 -17.56 -5.81 22.75
N GLU A 457 -17.84 -5.64 24.03
CA GLU A 457 -18.51 -6.69 24.84
C GLU A 457 -19.90 -7.00 24.28
N ASN A 458 -20.67 -6.02 23.80
CA ASN A 458 -22.04 -6.33 23.31
C ASN A 458 -22.11 -6.17 21.79
N PHE A 459 -20.98 -6.10 21.09
CA PHE A 459 -20.99 -5.93 19.62
C PHE A 459 -21.68 -7.16 19.01
N LYS A 460 -22.63 -6.94 18.13
CA LYS A 460 -23.28 -8.01 17.34
C LYS A 460 -22.38 -8.45 16.19
N GLU A 461 -21.28 -7.75 15.90
CA GLU A 461 -20.49 -8.07 14.70
C GLU A 461 -19.04 -8.34 15.10
N SER A 462 -18.40 -9.20 14.32
CA SER A 462 -17.01 -9.64 14.51
C SER A 462 -16.10 -8.50 14.11
N VAL A 463 -14.99 -8.29 14.82
CA VAL A 463 -13.92 -7.34 14.43
C VAL A 463 -12.82 -8.02 13.60
N ASN A 464 -13.02 -9.29 13.16
CA ASN A 464 -12.02 -10.04 12.32
C ASN A 464 -12.14 -9.61 10.86
N LEU A 465 -11.62 -8.42 10.55
CA LEU A 465 -11.70 -7.87 9.18
C LEU A 465 -10.62 -8.52 8.30
N ASN A 466 -9.53 -9.01 8.89
CA ASN A 466 -8.60 -9.87 8.12
C ASN A 466 -9.36 -11.02 7.47
N GLU A 467 -10.23 -11.71 8.19
CA GLU A 467 -10.99 -12.82 7.59
C GLU A 467 -11.91 -12.24 6.52
N TYR A 468 -12.85 -11.37 6.90
CA TYR A 468 -14.08 -11.08 6.08
C TYR A 468 -13.83 -9.98 5.04
N LEU A 469 -12.78 -9.16 5.21
CA LEU A 469 -12.56 -7.98 4.34
C LEU A 469 -11.22 -8.08 3.57
N PHE A 470 -10.08 -8.22 4.25
CA PHE A 470 -8.74 -7.97 3.65
C PHE A 470 -8.02 -9.24 3.15
N GLY A 471 -8.27 -10.41 3.75
CA GLY A 471 -7.40 -11.60 3.61
C GLY A 471 -7.70 -12.43 2.38
N GLU A 472 -7.31 -13.70 2.42
CA GLU A 472 -7.32 -14.58 1.24
C GLU A 472 -8.77 -14.88 0.85
N ARG A 473 -9.71 -14.77 1.78
CA ARG A 473 -11.16 -14.93 1.47
C ARG A 473 -11.92 -13.59 1.65
N GLY A 474 -11.22 -12.49 1.84
CA GLY A 474 -11.83 -11.17 2.06
C GLY A 474 -12.70 -10.69 0.89
N LEU A 475 -13.76 -9.95 1.24
CA LEU A 475 -14.61 -9.22 0.26
C LEU A 475 -13.74 -8.52 -0.79
N LEU A 476 -12.67 -7.85 -0.37
CA LEU A 476 -11.82 -7.09 -1.32
C LEU A 476 -11.12 -8.02 -2.30
N THR A 477 -10.74 -9.22 -1.86
CA THR A 477 -10.11 -10.21 -2.75
C THR A 477 -11.17 -10.65 -3.77
N LEU A 478 -12.39 -10.90 -3.30
CA LEU A 478 -13.54 -11.25 -4.21
C LEU A 478 -13.73 -10.19 -5.30
N LEU A 479 -13.74 -8.91 -4.91
CA LEU A 479 -13.94 -7.80 -5.88
C LEU A 479 -12.80 -7.83 -6.88
N ALA A 480 -11.54 -8.00 -6.40
CA ALA A 480 -10.35 -8.01 -7.28
C ALA A 480 -10.54 -9.15 -8.29
N MET A 481 -10.80 -10.35 -7.76
CA MET A 481 -10.88 -11.60 -8.54
C MET A 481 -12.16 -11.60 -9.39
N SER A 482 -13.15 -10.76 -9.09
CA SER A 482 -14.37 -10.60 -9.92
C SER A 482 -14.13 -9.53 -11.02
N ASN A 483 -12.89 -9.05 -11.14
CA ASN A 483 -12.50 -8.06 -12.19
C ASN A 483 -13.23 -6.74 -11.91
N VAL A 484 -13.22 -6.32 -10.66
CA VAL A 484 -13.73 -4.99 -10.24
C VAL A 484 -12.54 -4.24 -9.67
N PRO A 485 -11.77 -3.50 -10.48
CA PRO A 485 -10.78 -2.60 -9.91
C PRO A 485 -11.51 -1.50 -9.10
N PHE A 486 -10.96 -1.08 -7.99
CA PHE A 486 -11.66 -0.17 -7.06
C PHE A 486 -10.67 0.83 -6.51
N ASP A 487 -11.20 2.02 -6.22
CA ASP A 487 -10.51 3.00 -5.37
C ASP A 487 -10.86 2.73 -3.91
N VAL A 488 -10.12 3.37 -3.02
CA VAL A 488 -10.40 3.35 -1.56
C VAL A 488 -10.57 4.79 -1.11
N ILE A 489 -11.64 5.08 -0.40
CA ILE A 489 -11.80 6.43 0.17
C ILE A 489 -11.96 6.30 1.66
N ASP A 490 -11.60 7.35 2.36
CA ASP A 490 -11.87 7.44 3.81
C ASP A 490 -13.25 8.04 3.99
N LEU A 491 -14.13 7.39 4.75
CA LEU A 491 -15.52 7.89 4.95
C LEU A 491 -15.57 9.18 5.78
N GLU A 492 -14.64 9.38 6.71
CA GLU A 492 -14.58 10.62 7.54
C GLU A 492 -14.05 11.77 6.69
N ASN A 493 -13.00 11.60 5.90
CA ASN A 493 -12.43 12.72 5.12
C ASN A 493 -13.29 13.03 3.88
N THR A 494 -13.94 12.05 3.26
CA THR A 494 -14.55 12.29 1.92
C THR A 494 -15.80 13.19 2.03
N THR A 495 -15.95 14.11 1.07
CA THR A 495 -17.16 14.93 0.91
C THR A 495 -18.15 14.14 0.08
N VAL A 496 -19.42 14.48 0.12
CA VAL A 496 -20.41 13.78 -0.73
C VAL A 496 -20.06 14.00 -2.21
N GLU A 497 -19.52 15.18 -2.53
CA GLU A 497 -19.17 15.52 -3.92
C GLU A 497 -18.14 14.50 -4.39
N GLU A 498 -17.14 14.25 -3.56
CA GLU A 498 -16.11 13.28 -3.96
C GLU A 498 -16.81 11.92 -4.11
N MET A 499 -17.65 11.55 -3.15
CA MET A 499 -18.37 10.24 -3.19
C MET A 499 -19.09 10.13 -4.53
N LEU A 500 -19.67 11.23 -5.05
CA LEU A 500 -20.52 11.17 -6.26
C LEU A 500 -19.69 11.01 -7.54
N ARG A 501 -18.36 10.99 -7.45
CA ARG A 501 -17.50 10.59 -8.60
C ARG A 501 -17.66 9.09 -8.89
N TYR A 502 -18.17 8.30 -7.94
CA TYR A 502 -18.25 6.82 -8.05
C TYR A 502 -19.66 6.34 -8.38
N GLU A 503 -19.80 5.52 -9.41
CA GLU A 503 -21.10 4.88 -9.73
C GLU A 503 -21.54 3.98 -8.55
N GLN A 504 -20.60 3.38 -7.80
CA GLN A 504 -20.89 2.41 -6.72
C GLN A 504 -19.84 2.55 -5.62
N ILE A 505 -20.29 2.56 -4.36
CA ILE A 505 -19.46 2.53 -3.14
C ILE A 505 -19.88 1.32 -2.29
N TRP A 506 -18.91 0.46 -1.91
CA TRP A 506 -19.11 -0.66 -0.98
C TRP A 506 -18.70 -0.21 0.41
N VAL A 507 -19.53 -0.49 1.42
CA VAL A 507 -19.19 -0.21 2.83
C VAL A 507 -19.38 -1.53 3.61
N TYR A 508 -18.35 -1.93 4.38
CA TYR A 508 -18.42 -2.96 5.45
C TYR A 508 -18.73 -2.25 6.75
N SER A 509 -19.82 -2.64 7.41
CA SER A 509 -20.32 -1.98 8.65
C SER A 509 -20.20 -2.94 9.82
N LEU A 510 -19.88 -2.38 10.99
CA LEU A 510 -20.02 -2.99 12.32
C LEU A 510 -21.20 -2.30 13.03
N ASP A 511 -21.30 -2.46 14.35
CA ASP A 511 -22.41 -1.96 15.21
C ASP A 511 -22.50 -0.43 15.15
N PHE A 512 -21.34 0.24 15.13
CA PHE A 512 -21.22 1.70 15.24
C PHE A 512 -20.66 2.26 13.94
N MET A 513 -21.15 3.45 13.63
CA MET A 513 -20.68 4.32 12.53
C MET A 513 -21.05 5.76 12.84
N GLY A 514 -20.06 6.64 12.70
CA GLY A 514 -20.15 8.06 13.04
C GLY A 514 -21.36 8.67 12.38
N ARG A 515 -22.01 9.60 13.07
CA ARG A 515 -23.22 10.29 12.55
C ARG A 515 -22.95 10.96 11.21
N GLU A 516 -21.89 11.75 11.14
CA GLU A 516 -21.55 12.44 9.88
C GLU A 516 -21.36 11.42 8.77
N VAL A 517 -20.72 10.29 9.04
CA VAL A 517 -20.51 9.23 8.03
C VAL A 517 -21.87 8.60 7.65
N GLN A 518 -22.71 8.25 8.63
CA GLN A 518 -24.04 7.66 8.34
C GLN A 518 -24.83 8.66 7.47
N ASP A 519 -24.79 9.94 7.78
CA ASP A 519 -25.52 10.98 6.99
C ASP A 519 -24.98 11.11 5.55
N LYS A 520 -23.66 11.19 5.38
CA LYS A 520 -23.06 11.35 4.04
C LYS A 520 -23.47 10.17 3.15
N LEU A 521 -23.46 8.94 3.69
CA LEU A 521 -23.80 7.72 2.89
C LEU A 521 -25.26 7.83 2.43
N ALA A 522 -26.18 8.22 3.32
CA ALA A 522 -27.60 8.49 2.95
C ALA A 522 -27.69 9.56 1.83
N GLU A 523 -27.01 10.69 1.99
CA GLU A 523 -26.99 11.76 0.99
C GLU A 523 -26.34 11.26 -0.33
N TYR A 524 -25.30 10.45 -0.25
CA TYR A 524 -24.67 9.84 -1.46
C TYR A 524 -25.76 9.13 -2.26
N VAL A 525 -26.56 8.28 -1.60
CA VAL A 525 -27.65 7.50 -2.23
C VAL A 525 -28.73 8.48 -2.74
N GLU A 526 -29.18 9.40 -1.89
CA GLU A 526 -30.22 10.42 -2.21
C GLU A 526 -29.87 11.15 -3.51
N LYS A 527 -28.60 11.46 -3.68
CA LYS A 527 -28.09 12.27 -4.81
C LYS A 527 -27.73 11.40 -6.01
N GLY A 528 -27.97 10.10 -5.99
CA GLY A 528 -27.86 9.30 -7.22
C GLY A 528 -26.79 8.25 -7.08
N GLY A 529 -26.16 8.14 -5.92
CA GLY A 529 -25.16 7.09 -5.66
C GLY A 529 -25.80 5.70 -5.58
N ASN A 530 -24.95 4.68 -5.67
CA ASN A 530 -25.34 3.26 -5.54
C ASN A 530 -24.44 2.65 -4.47
N LEU A 531 -25.03 2.50 -3.29
CA LEU A 531 -24.37 1.93 -2.10
C LEU A 531 -24.59 0.42 -2.08
N VAL A 532 -23.52 -0.29 -1.75
CA VAL A 532 -23.62 -1.70 -1.29
C VAL A 532 -23.09 -1.72 0.12
N ILE A 533 -23.90 -2.21 1.03
CA ILE A 533 -23.53 -2.24 2.46
C ILE A 533 -23.89 -3.62 3.06
N LEU A 534 -22.97 -4.07 3.91
CA LEU A 534 -22.98 -5.44 4.52
C LEU A 534 -22.02 -5.47 5.71
N PRO A 535 -22.14 -6.43 6.66
CA PRO A 535 -23.20 -7.44 6.69
C PRO A 535 -24.37 -7.07 7.61
N MET A 536 -24.39 -5.81 8.01
CA MET A 536 -25.47 -5.22 8.84
C MET A 536 -25.54 -3.72 8.51
N LEU A 537 -26.50 -3.03 9.12
CA LEU A 537 -26.44 -1.55 9.20
C LEU A 537 -26.01 -1.18 10.61
N PRO A 538 -25.28 -0.08 10.76
CA PRO A 538 -24.90 0.40 12.08
C PRO A 538 -26.17 0.88 12.82
N TYR A 539 -26.20 0.80 14.15
CA TYR A 539 -27.33 1.28 14.97
C TYR A 539 -26.78 2.16 16.09
N LEU A 540 -25.45 2.35 16.12
CA LEU A 540 -24.76 3.21 17.11
C LEU A 540 -23.95 4.29 16.38
N ASP A 541 -23.69 5.38 17.08
CA ASP A 541 -22.80 6.48 16.59
C ASP A 541 -21.41 6.31 17.21
N GLU A 542 -20.55 7.31 17.10
CA GLU A 542 -19.12 7.21 17.49
C GLU A 542 -18.99 7.25 19.01
N ASN A 543 -20.05 7.66 19.73
CA ASN A 543 -20.12 7.60 21.22
C ASN A 543 -20.81 6.32 21.69
N LEU A 544 -21.23 5.47 20.75
CA LEU A 544 -21.89 4.19 21.07
C LEU A 544 -23.28 4.50 21.68
N ASN A 545 -23.93 5.55 21.21
CA ASN A 545 -25.34 5.91 21.55
C ASN A 545 -26.21 5.49 20.36
N GLU A 546 -27.49 5.18 20.60
CA GLU A 546 -28.38 4.72 19.51
C GLU A 546 -28.34 5.78 18.40
N TYR A 547 -28.05 5.38 17.17
CA TYR A 547 -28.15 6.24 15.97
C TYR A 547 -28.33 5.37 14.74
N ARG A 548 -29.50 5.47 14.11
CA ARG A 548 -29.93 4.54 13.04
C ARG A 548 -30.38 5.35 11.82
N LYS A 549 -29.71 6.48 11.54
CA LYS A 549 -30.10 7.41 10.45
C LYS A 549 -30.06 6.69 9.11
N LEU A 550 -28.99 5.97 8.83
CA LEU A 550 -28.83 5.23 7.55
C LEU A 550 -29.95 4.19 7.44
N GLU A 551 -30.28 3.50 8.52
CA GLU A 551 -31.34 2.47 8.51
C GLU A 551 -32.74 3.11 8.35
N GLU A 552 -33.04 4.21 9.03
CA GLU A 552 -34.30 4.94 8.83
C GLU A 552 -34.37 5.52 7.41
N PHE A 553 -33.28 6.06 6.87
CA PHE A 553 -33.28 6.60 5.48
C PHE A 553 -33.58 5.46 4.48
N LEU A 554 -32.90 4.34 4.58
CA LEU A 554 -33.08 3.25 3.59
C LEU A 554 -34.45 2.58 3.78
N GLY A 555 -35.08 2.72 4.95
CA GLY A 555 -36.36 2.07 5.30
C GLY A 555 -36.24 0.55 5.35
N VAL A 556 -35.08 -0.01 5.71
CA VAL A 556 -34.90 -1.48 5.87
C VAL A 556 -34.44 -1.73 7.31
N LYS A 557 -34.79 -2.90 7.85
CA LYS A 557 -34.23 -3.44 9.11
C LYS A 557 -33.37 -4.68 8.79
N VAL A 558 -32.24 -4.79 9.45
CA VAL A 558 -31.36 -6.00 9.33
C VAL A 558 -31.27 -6.64 10.72
N GLU A 559 -32.05 -7.70 10.96
CA GLU A 559 -32.18 -8.38 12.26
C GLU A 559 -31.54 -9.76 12.15
N GLY A 560 -30.75 -10.14 13.14
CA GLY A 560 -30.19 -11.50 13.26
C GLY A 560 -29.40 -11.64 14.54
N GLU A 561 -28.95 -12.85 14.84
CA GLU A 561 -28.17 -13.09 16.08
C GLU A 561 -26.80 -12.44 15.86
N PRO A 562 -26.04 -12.21 16.93
CA PRO A 562 -24.66 -11.71 16.79
C PRO A 562 -23.72 -12.75 16.19
N ALA A 563 -22.73 -12.25 15.47
CA ALA A 563 -21.74 -13.08 14.76
C ALA A 563 -20.98 -13.88 15.83
N ARG A 564 -20.42 -15.05 15.49
CA ARG A 564 -19.69 -15.88 16.48
C ARG A 564 -18.19 -15.77 16.21
N ASP A 565 -17.39 -15.90 17.25
CA ASP A 565 -15.91 -15.90 17.06
C ASP A 565 -15.37 -17.30 17.35
N ASN A 566 -16.13 -18.18 17.97
CA ASN A 566 -15.63 -19.56 18.20
C ASN A 566 -15.70 -20.24 16.84
N VAL A 567 -14.55 -20.65 16.30
CA VAL A 567 -14.51 -21.14 14.88
C VAL A 567 -15.39 -22.40 14.75
N ARG A 568 -15.55 -23.21 15.80
CA ARG A 568 -16.40 -24.41 15.71
C ARG A 568 -17.90 -24.05 15.60
N LEU A 569 -18.30 -22.90 16.14
CA LEU A 569 -19.72 -22.47 16.25
C LEU A 569 -20.08 -21.46 15.16
N ILE A 570 -19.23 -21.21 14.19
CA ILE A 570 -19.53 -20.33 13.03
C ILE A 570 -20.35 -21.13 12.02
N PRO A 571 -21.61 -20.75 11.76
CA PRO A 571 -22.46 -21.55 10.90
C PRO A 571 -22.00 -21.31 9.47
N PHE A 572 -22.40 -22.24 8.64
CA PHE A 572 -22.37 -22.20 7.16
C PHE A 572 -23.80 -21.91 6.73
N VAL A 573 -24.02 -21.04 5.75
CA VAL A 573 -25.38 -20.72 5.20
C VAL A 573 -25.32 -20.62 3.68
N SER A 574 -26.23 -21.31 3.00
CA SER A 574 -26.36 -21.30 1.52
C SER A 574 -27.35 -20.21 1.12
N VAL A 575 -26.92 -19.26 0.29
CA VAL A 575 -27.75 -18.11 -0.12
C VAL A 575 -28.12 -18.28 -1.59
N ASP A 576 -29.42 -18.26 -1.89
CA ASP A 576 -29.89 -18.18 -3.29
C ASP A 576 -30.19 -16.71 -3.63
N ALA A 577 -30.18 -16.44 -4.94
CA ALA A 577 -30.46 -15.14 -5.62
C ALA A 577 -30.85 -15.51 -7.05
N ASP A 578 -31.41 -14.58 -7.79
CA ASP A 578 -31.77 -14.85 -9.20
C ASP A 578 -30.47 -15.16 -9.95
N GLY A 579 -30.44 -16.31 -10.61
CA GLY A 579 -29.25 -16.83 -11.29
C GLY A 579 -28.21 -17.40 -10.33
N ILE A 580 -28.43 -17.46 -9.00
CA ILE A 580 -27.39 -17.89 -8.00
C ILE A 580 -27.95 -19.02 -7.13
N ASP A 581 -27.33 -20.22 -7.22
CA ASP A 581 -27.72 -21.45 -6.49
C ASP A 581 -26.78 -21.62 -5.28
N ARG A 582 -27.26 -21.39 -4.06
CA ARG A 582 -26.62 -21.79 -2.78
C ARG A 582 -25.14 -21.36 -2.79
N MET A 583 -24.95 -20.06 -2.90
CA MET A 583 -23.66 -19.39 -2.66
C MET A 583 -23.35 -19.55 -1.17
N ILE A 584 -22.20 -20.16 -0.83
CA ILE A 584 -21.84 -20.42 0.58
C ILE A 584 -21.44 -19.08 1.20
N VAL A 585 -21.98 -18.80 2.39
CA VAL A 585 -21.47 -17.72 3.27
C VAL A 585 -21.21 -18.32 4.65
N ARG A 586 -20.34 -17.64 5.39
CA ARG A 586 -19.91 -18.04 6.74
C ARG A 586 -20.42 -17.03 7.76
N ASN A 587 -20.68 -17.53 8.98
CA ASN A 587 -21.09 -16.73 10.15
C ASN A 587 -22.56 -16.34 9.95
N VAL A 588 -23.16 -15.85 11.01
CA VAL A 588 -24.63 -15.71 11.09
C VAL A 588 -25.11 -14.79 9.97
N VAL A 589 -26.25 -15.13 9.43
CA VAL A 589 -26.91 -14.34 8.35
C VAL A 589 -28.15 -13.68 8.96
N ARG A 590 -28.36 -12.42 8.59
CA ARG A 590 -29.42 -11.55 9.16
C ARG A 590 -30.56 -11.46 8.15
N GLU A 591 -31.79 -11.39 8.64
CA GLU A 591 -33.00 -11.08 7.84
C GLU A 591 -32.92 -9.62 7.38
N VAL A 592 -33.02 -9.35 6.08
CA VAL A 592 -33.18 -7.96 5.54
C VAL A 592 -34.66 -7.71 5.28
N LYS A 593 -35.31 -6.87 6.09
CA LYS A 593 -36.75 -6.56 6.02
C LYS A 593 -36.94 -5.20 5.31
N GLY A 594 -37.81 -5.16 4.31
CA GLY A 594 -38.04 -3.98 3.48
C GLY A 594 -37.27 -4.07 2.16
N GLY A 595 -37.57 -3.20 1.21
CA GLY A 595 -36.87 -3.18 -0.08
C GLY A 595 -37.34 -4.27 -1.00
N GLU A 596 -36.70 -4.39 -2.15
CA GLU A 596 -36.98 -5.52 -3.07
C GLU A 596 -36.00 -6.64 -2.74
N PRO A 597 -36.48 -7.86 -2.40
CA PRO A 597 -35.58 -8.98 -2.07
C PRO A 597 -34.67 -9.37 -3.24
N ILE A 598 -33.38 -9.61 -3.02
CA ILE A 598 -32.48 -10.09 -4.11
C ILE A 598 -31.71 -11.35 -3.69
N ALA A 599 -31.87 -11.83 -2.45
CA ALA A 599 -31.10 -12.94 -1.87
C ALA A 599 -31.94 -13.54 -0.74
N TRP A 600 -32.06 -14.86 -0.68
CA TRP A 600 -32.88 -15.53 0.35
C TRP A 600 -32.19 -16.84 0.79
N VAL A 601 -32.46 -17.20 2.02
CA VAL A 601 -32.18 -18.53 2.59
C VAL A 601 -33.55 -19.08 2.88
N GLU A 602 -34.00 -19.97 1.99
CA GLU A 602 -35.33 -20.64 1.94
C GLU A 602 -36.45 -19.59 2.05
N ASP A 603 -37.23 -19.61 3.13
CA ASP A 603 -38.31 -18.64 3.46
C ASP A 603 -37.74 -17.21 3.46
N LYS A 604 -36.53 -16.98 4.01
CA LYS A 604 -36.07 -15.70 4.59
C LYS A 604 -35.34 -14.85 3.54
N VAL A 605 -35.67 -13.59 3.48
CA VAL A 605 -34.92 -12.58 2.67
C VAL A 605 -33.69 -12.14 3.46
N VAL A 606 -32.51 -12.24 2.86
CA VAL A 606 -31.22 -11.88 3.52
C VAL A 606 -30.47 -10.85 2.70
N GLY A 607 -31.11 -10.31 1.68
CA GLY A 607 -30.52 -9.25 0.85
C GLY A 607 -31.60 -8.57 0.08
N ALA A 608 -31.49 -7.26 -0.06
CA ALA A 608 -32.54 -6.45 -0.72
C ALA A 608 -31.92 -5.23 -1.38
N ILE A 609 -32.64 -4.68 -2.34
CA ILE A 609 -32.23 -3.40 -2.97
C ILE A 609 -33.38 -2.41 -2.74
N VAL A 610 -33.02 -1.18 -2.37
CA VAL A 610 -33.97 -0.04 -2.31
C VAL A 610 -33.48 1.10 -3.19
N ARG A 611 -34.44 1.88 -3.65
CA ARG A 611 -34.22 3.14 -4.38
C ARG A 611 -34.60 4.28 -3.44
N LYS A 612 -33.67 5.20 -3.18
CA LYS A 612 -33.95 6.38 -2.35
C LYS A 612 -33.44 7.60 -3.10
N GLY A 613 -34.34 8.56 -3.30
CA GLY A 613 -34.13 9.74 -4.15
C GLY A 613 -33.71 9.30 -5.53
N LYS A 614 -32.54 9.77 -5.98
CA LYS A 614 -32.00 9.51 -7.33
C LYS A 614 -31.24 8.17 -7.32
N GLY A 615 -30.96 7.57 -6.16
CA GLY A 615 -30.00 6.46 -6.10
C GLY A 615 -30.59 5.15 -5.61
N SER A 616 -29.69 4.24 -5.24
CA SER A 616 -30.05 2.86 -4.81
C SER A 616 -29.07 2.37 -3.75
N ALA A 617 -29.54 1.46 -2.91
CA ALA A 617 -28.69 0.74 -1.93
C ALA A 617 -29.07 -0.74 -1.91
N VAL A 618 -28.02 -1.54 -1.91
CA VAL A 618 -28.08 -3.01 -1.76
C VAL A 618 -27.58 -3.27 -0.35
N ILE A 619 -28.43 -3.94 0.43
CA ILE A 619 -28.20 -4.23 1.86
C ILE A 619 -28.13 -5.74 1.97
N LEU A 620 -26.96 -6.23 2.36
CA LEU A 620 -26.72 -7.70 2.50
C LEU A 620 -26.58 -8.03 3.97
N GLY A 621 -27.36 -9.02 4.41
CA GLY A 621 -27.37 -9.50 5.80
C GLY A 621 -26.29 -10.53 6.08
N PHE A 622 -25.29 -10.62 5.20
CA PHE A 622 -24.19 -11.64 5.27
C PHE A 622 -22.86 -11.06 4.83
N ARG A 623 -21.79 -11.80 5.16
CA ARG A 623 -20.38 -11.47 4.79
C ARG A 623 -20.07 -12.12 3.45
N LEU A 624 -20.08 -11.34 2.40
CA LEU A 624 -19.74 -11.89 1.07
C LEU A 624 -18.23 -12.00 1.03
N GLN A 625 -17.74 -13.19 0.63
CA GLN A 625 -16.31 -13.54 0.66
C GLN A 625 -15.92 -14.19 -0.66
N TYR A 626 -14.63 -14.30 -0.86
CA TYR A 626 -14.04 -14.96 -2.04
C TYR A 626 -13.89 -16.45 -1.69
N PHE A 627 -14.78 -17.25 -2.29
CA PHE A 627 -14.65 -18.71 -2.47
C PHE A 627 -14.57 -18.98 -3.98
N SER A 628 -13.65 -19.87 -4.30
CA SER A 628 -13.35 -20.34 -5.68
C SER A 628 -13.90 -21.77 -5.80
N SER A 629 -14.60 -21.99 -6.92
CA SER A 629 -15.28 -23.25 -7.28
C SER A 629 -15.61 -23.22 -8.76
N TYR A 630 -15.77 -24.40 -9.35
CA TYR A 630 -16.35 -24.56 -10.71
C TYR A 630 -17.62 -23.72 -10.82
N HIS A 631 -18.49 -23.77 -9.80
CA HIS A 631 -19.86 -23.19 -9.87
C HIS A 631 -19.70 -21.66 -9.81
N ASP A 632 -18.74 -21.18 -8.99
CA ASP A 632 -18.19 -19.79 -9.01
C ASP A 632 -19.31 -18.76 -8.74
N MET A 633 -20.15 -19.05 -7.76
CA MET A 633 -21.39 -18.29 -7.46
C MET A 633 -21.02 -16.93 -6.84
N HIS A 634 -19.89 -16.82 -6.14
CA HIS A 634 -19.48 -15.59 -5.43
C HIS A 634 -19.17 -14.48 -6.45
N ARG A 635 -18.41 -14.79 -7.49
CA ARG A 635 -18.07 -13.83 -8.56
C ARG A 635 -19.32 -13.51 -9.36
N LYS A 636 -20.17 -14.51 -9.62
CA LYS A 636 -21.43 -14.32 -10.39
C LYS A 636 -22.36 -13.36 -9.63
N PHE A 637 -22.41 -13.47 -8.32
CA PHE A 637 -23.24 -12.60 -7.46
C PHE A 637 -22.74 -11.15 -7.51
N VAL A 638 -21.43 -10.94 -7.50
CA VAL A 638 -20.84 -9.58 -7.65
C VAL A 638 -21.30 -8.99 -8.99
N ASP A 639 -21.15 -9.77 -10.06
CA ASP A 639 -21.66 -9.37 -11.40
C ASP A 639 -23.12 -8.93 -11.30
N LYS A 640 -23.98 -9.69 -10.62
CA LYS A 640 -25.44 -9.37 -10.51
C LYS A 640 -25.57 -8.04 -9.77
N ILE A 641 -24.78 -7.82 -8.74
CA ILE A 641 -24.96 -6.59 -7.94
C ILE A 641 -24.61 -5.39 -8.81
N LEU A 642 -23.53 -5.47 -9.59
CA LEU A 642 -23.15 -4.36 -10.51
C LEU A 642 -24.23 -4.16 -11.58
N GLU A 643 -24.77 -5.24 -12.17
CA GLU A 643 -25.87 -5.12 -13.17
C GLU A 643 -27.11 -4.51 -12.50
N LEU A 644 -27.49 -4.94 -11.29
CA LEU A 644 -28.65 -4.39 -10.55
C LEU A 644 -28.51 -2.88 -10.50
N GLN A 645 -27.31 -2.35 -10.27
CA GLN A 645 -27.13 -0.91 -10.01
C GLN A 645 -26.61 -0.21 -11.26
N GLY A 646 -26.54 -0.92 -12.39
CA GLY A 646 -26.22 -0.31 -13.70
C GLY A 646 -24.77 0.12 -13.78
N VAL A 647 -23.89 -0.50 -13.02
CA VAL A 647 -22.45 -0.13 -13.01
C VAL A 647 -21.80 -0.83 -14.19
N GLU A 648 -21.05 -0.12 -15.01
CA GLU A 648 -20.51 -0.67 -16.29
C GLU A 648 -18.99 -0.67 -16.27
N ARG A 649 -18.39 -1.88 -16.33
CA ARG A 649 -16.92 -2.07 -16.47
C ARG A 649 -16.49 -1.45 -17.81
N ASP A 650 -15.33 -0.78 -17.83
CA ASP A 650 -14.80 -0.20 -19.09
C ASP A 650 -14.39 -1.32 -20.06
N PHE A 651 -14.47 -2.59 -19.65
CA PHE A 651 -13.79 -3.69 -20.38
C PHE A 651 -14.55 -5.01 -20.15
N LYS A 652 -14.33 -5.95 -21.06
CA LYS A 652 -14.82 -7.34 -20.97
C LYS A 652 -13.62 -8.26 -21.21
N VAL A 653 -13.65 -9.46 -20.63
CA VAL A 653 -12.71 -10.57 -21.00
C VAL A 653 -13.51 -11.84 -21.30
N THR A 654 -13.05 -12.68 -22.23
CA THR A 654 -13.73 -13.97 -22.55
C THR A 654 -13.36 -15.00 -21.46
N ASP A 655 -12.20 -14.88 -20.81
CA ASP A 655 -11.77 -15.72 -19.65
C ASP A 655 -11.76 -14.87 -18.39
N ARG A 656 -12.68 -15.09 -17.47
CA ARG A 656 -12.85 -14.15 -16.34
C ARG A 656 -11.74 -14.34 -15.29
N ASP A 657 -10.86 -15.31 -15.48
CA ASP A 657 -9.63 -15.52 -14.67
C ASP A 657 -8.51 -14.59 -15.13
N MET A 658 -8.66 -13.95 -16.29
CA MET A 658 -7.75 -12.88 -16.77
C MET A 658 -8.18 -11.53 -16.13
N ILE A 659 -7.32 -10.98 -15.28
CA ILE A 659 -7.60 -9.72 -14.55
C ILE A 659 -7.10 -8.62 -15.48
N VAL A 660 -7.96 -7.65 -15.78
CA VAL A 660 -7.55 -6.43 -16.55
C VAL A 660 -7.71 -5.17 -15.70
N ILE A 661 -6.68 -4.35 -15.64
CA ILE A 661 -6.73 -3.03 -14.97
C ILE A 661 -6.42 -2.00 -16.05
N PRO A 662 -7.45 -1.30 -16.51
CA PRO A 662 -7.33 -0.30 -17.55
C PRO A 662 -6.61 0.94 -17.01
N ARG A 663 -5.69 1.43 -17.80
CA ARG A 663 -4.84 2.59 -17.45
C ARG A 663 -4.77 3.48 -18.70
N GLY A 664 -5.91 4.01 -19.14
CA GLY A 664 -6.00 4.82 -20.37
C GLY A 664 -5.58 4.03 -21.58
N ASN A 665 -4.41 4.37 -22.14
CA ASN A 665 -3.86 3.74 -23.36
C ASN A 665 -3.02 2.50 -23.05
N TYR A 666 -3.00 2.05 -21.79
CA TYR A 666 -2.32 0.81 -21.37
C TYR A 666 -3.36 -0.05 -20.65
N LEU A 667 -3.26 -1.36 -20.87
CA LEU A 667 -3.97 -2.41 -20.09
C LEU A 667 -2.93 -3.22 -19.32
N ALA A 668 -3.01 -3.14 -17.99
CA ALA A 668 -2.31 -4.07 -17.09
C ALA A 668 -3.07 -5.41 -17.11
N VAL A 669 -2.50 -6.44 -17.72
CA VAL A 669 -3.19 -7.75 -17.89
C VAL A 669 -2.47 -8.79 -17.02
N ILE A 670 -3.23 -9.39 -16.11
CA ILE A 670 -2.68 -10.11 -14.94
C ILE A 670 -3.29 -11.49 -14.91
N ASN A 671 -2.43 -12.49 -14.87
CA ASN A 671 -2.80 -13.88 -14.48
C ASN A 671 -2.34 -14.13 -13.05
N PRO A 672 -3.25 -14.04 -12.06
CA PRO A 672 -2.86 -14.21 -10.67
C PRO A 672 -2.86 -15.70 -10.25
N ARG A 673 -3.37 -16.60 -11.10
CA ARG A 673 -3.68 -18.03 -10.79
C ARG A 673 -2.49 -18.88 -11.20
N GLY A 674 -2.30 -20.03 -10.58
CA GLY A 674 -1.22 -20.93 -10.99
C GLY A 674 -1.66 -21.87 -12.10
N HIS A 675 -2.49 -21.41 -13.04
CA HIS A 675 -2.93 -22.21 -14.22
C HIS A 675 -2.93 -21.28 -15.43
N ALA A 676 -2.98 -21.83 -16.63
CA ALA A 676 -3.00 -21.06 -17.90
C ALA A 676 -4.32 -20.27 -17.96
N VAL A 677 -4.30 -19.06 -18.50
CA VAL A 677 -5.54 -18.32 -18.90
C VAL A 677 -5.43 -18.02 -20.40
N LYS A 678 -6.55 -18.04 -21.11
CA LYS A 678 -6.51 -17.74 -22.56
C LYS A 678 -7.80 -17.06 -22.96
N GLY A 679 -7.72 -15.92 -23.65
CA GLY A 679 -8.94 -15.26 -24.14
C GLY A 679 -8.66 -13.97 -24.86
N ARG A 680 -9.69 -13.14 -24.94
CA ARG A 680 -9.72 -11.85 -25.67
C ARG A 680 -10.22 -10.78 -24.71
N ILE A 681 -9.80 -9.54 -24.95
CA ILE A 681 -10.19 -8.31 -24.20
C ILE A 681 -11.04 -7.43 -25.13
N SER A 682 -12.13 -6.90 -24.61
CA SER A 682 -12.89 -5.79 -25.23
C SER A 682 -12.61 -4.52 -24.44
N TYR A 683 -12.07 -3.52 -25.10
CA TYR A 683 -11.67 -2.26 -24.44
C TYR A 683 -11.71 -1.15 -25.45
N ASN A 684 -12.31 -0.02 -25.08
CA ASN A 684 -12.18 1.24 -25.88
C ASN A 684 -12.69 0.93 -27.29
N GLY A 685 -13.86 0.27 -27.39
CA GLY A 685 -14.49 -0.13 -28.68
C GLY A 685 -13.63 -1.08 -29.51
N ILE A 686 -12.58 -1.70 -29.00
CA ILE A 686 -11.97 -2.79 -29.81
C ILE A 686 -11.92 -4.10 -29.00
N GLU A 687 -11.88 -5.22 -29.71
CA GLU A 687 -11.64 -6.55 -29.14
C GLU A 687 -10.38 -7.12 -29.78
N PHE A 688 -9.42 -7.52 -28.96
CA PHE A 688 -8.16 -8.11 -29.45
C PHE A 688 -7.68 -9.15 -28.48
N PRO A 689 -6.73 -10.03 -28.88
CA PRO A 689 -6.32 -10.16 -30.27
C PRO A 689 -7.46 -10.73 -31.12
N LYS A 690 -7.35 -10.64 -32.43
CA LYS A 690 -8.43 -11.05 -33.34
C LYS A 690 -8.04 -12.36 -34.01
N LEU A 691 -6.75 -12.55 -34.28
CA LEU A 691 -6.31 -13.70 -35.09
C LEU A 691 -6.04 -14.86 -34.13
N ILE A 692 -5.31 -14.61 -33.06
CA ILE A 692 -4.98 -15.61 -32.01
C ILE A 692 -5.78 -15.25 -30.76
N GLU A 693 -5.64 -16.02 -29.68
CA GLU A 693 -6.10 -15.64 -28.33
C GLU A 693 -4.91 -15.13 -27.51
N LEU A 694 -5.20 -14.38 -26.45
CA LEU A 694 -4.16 -13.93 -25.50
C LEU A 694 -3.90 -15.07 -24.51
N GLU A 695 -2.76 -15.74 -24.65
CA GLU A 695 -2.37 -16.92 -23.81
C GLU A 695 -1.43 -16.41 -22.71
N MET A 696 -1.78 -16.58 -21.43
CA MET A 696 -0.80 -16.48 -20.31
C MET A 696 -0.62 -17.87 -19.67
N LYS A 697 0.42 -18.62 -20.10
CA LYS A 697 0.61 -20.04 -19.74
C LYS A 697 0.65 -20.19 -18.21
N ASN A 698 1.11 -19.16 -17.49
CA ASN A 698 1.17 -19.24 -16.01
C ASN A 698 1.08 -17.84 -15.42
N ARG A 699 1.29 -17.75 -14.12
CA ARG A 699 1.19 -16.50 -13.36
C ARG A 699 2.15 -15.48 -13.98
N GLY A 700 1.69 -14.24 -14.18
CA GLY A 700 2.50 -13.14 -14.67
C GLY A 700 1.68 -11.90 -15.00
N VAL A 701 2.39 -10.87 -15.43
CA VAL A 701 1.83 -9.54 -15.72
C VAL A 701 2.35 -9.09 -17.08
N LEU A 702 1.42 -8.56 -17.87
CA LEU A 702 1.67 -7.85 -19.14
C LEU A 702 1.12 -6.43 -18.99
N PHE A 703 1.73 -5.51 -19.72
CA PHE A 703 1.27 -4.11 -19.86
C PHE A 703 1.14 -3.90 -21.34
N LEU A 704 -0.08 -3.92 -21.83
CA LEU A 704 -0.33 -3.96 -23.28
C LEU A 704 -0.69 -2.55 -23.79
N PRO A 705 -0.01 -2.05 -24.86
CA PRO A 705 -0.36 -0.76 -25.44
C PRO A 705 -1.68 -0.85 -26.21
N VAL A 706 -2.57 0.13 -26.02
CA VAL A 706 -3.78 0.31 -26.86
C VAL A 706 -3.76 1.74 -27.42
N ASN A 707 -3.55 1.85 -28.72
CA ASN A 707 -3.43 3.11 -29.47
C ASN A 707 -2.33 3.95 -28.82
N VAL A 708 -1.11 3.38 -28.69
CA VAL A 708 0.10 4.14 -28.23
C VAL A 708 0.97 4.47 -29.43
N LYS A 709 1.37 5.75 -29.55
CA LYS A 709 2.23 6.26 -30.64
C LYS A 709 3.68 6.03 -30.21
N TYR A 710 4.51 5.52 -31.12
CA TYR A 710 5.99 5.47 -30.99
C TYR A 710 6.55 6.14 -32.25
N GLY A 711 7.09 7.35 -32.10
CA GLY A 711 7.48 8.21 -33.23
C GLY A 711 6.35 8.28 -34.25
N SER A 712 6.65 7.97 -35.50
CA SER A 712 5.69 8.14 -36.60
C SER A 712 4.75 6.93 -36.70
N VAL A 713 4.90 5.89 -35.89
CA VAL A 713 4.01 4.68 -35.95
C VAL A 713 3.13 4.65 -34.70
N GLU A 714 1.95 4.03 -34.83
CA GLU A 714 1.06 3.78 -33.68
C GLU A 714 0.90 2.27 -33.51
N VAL A 715 1.07 1.76 -32.29
CA VAL A 715 0.71 0.36 -31.95
C VAL A 715 -0.77 0.40 -31.56
N VAL A 716 -1.62 -0.14 -32.43
CA VAL A 716 -3.10 -0.13 -32.20
C VAL A 716 -3.35 -1.10 -31.04
N TYR A 717 -2.75 -2.29 -31.06
CA TYR A 717 -2.74 -3.18 -29.89
C TYR A 717 -1.58 -4.16 -30.03
N SER A 718 -1.17 -4.70 -28.89
CA SER A 718 -0.09 -5.71 -28.75
C SER A 718 -0.52 -6.68 -27.65
N THR A 719 -0.33 -7.98 -27.90
CA THR A 719 -0.40 -9.01 -26.85
C THR A 719 0.95 -9.15 -26.12
N ALA A 720 1.91 -8.26 -26.38
CA ALA A 720 3.24 -8.25 -25.71
C ALA A 720 3.59 -6.83 -25.24
N THR A 721 4.28 -6.77 -24.11
CA THR A 721 4.74 -5.53 -23.46
C THR A 721 5.89 -4.94 -24.26
N VAL A 722 5.84 -3.65 -24.56
CA VAL A 722 6.97 -2.91 -25.20
C VAL A 722 7.99 -2.63 -24.09
N THR A 723 9.21 -3.12 -24.26
CA THR A 723 10.28 -2.98 -23.25
C THR A 723 11.33 -1.97 -23.69
N ARG A 724 11.45 -1.66 -24.99
CA ARG A 724 12.42 -0.68 -25.56
C ARG A 724 11.88 -0.13 -26.88
N TYR A 725 12.19 1.14 -27.12
CA TYR A 725 11.96 1.90 -28.38
C TYR A 725 13.29 2.56 -28.76
N GLU A 726 13.84 2.31 -29.95
CA GLU A 726 14.90 3.13 -30.61
C GLU A 726 14.35 3.70 -31.94
N ASP A 727 15.05 4.61 -32.64
CA ASP A 727 14.58 5.11 -33.97
C ASP A 727 14.31 3.88 -34.85
N GLY A 728 13.04 3.54 -35.07
CA GLY A 728 12.62 2.48 -36.03
C GLY A 728 12.62 1.06 -35.45
N LYS A 729 12.88 0.89 -34.16
CA LYS A 729 12.89 -0.45 -33.53
C LYS A 729 12.04 -0.46 -32.26
N ILE A 730 11.04 -1.33 -32.21
CA ILE A 730 10.27 -1.52 -30.97
C ILE A 730 10.51 -2.95 -30.50
N THR A 731 10.92 -3.10 -29.24
CA THR A 731 11.14 -4.43 -28.66
C THR A 731 9.91 -4.83 -27.84
N PHE A 732 9.45 -6.04 -28.11
CA PHE A 732 8.27 -6.64 -27.46
C PHE A 732 8.73 -7.85 -26.63
N ARG A 733 8.11 -8.03 -25.47
CA ARG A 733 8.37 -9.15 -24.54
C ARG A 733 7.05 -9.75 -24.06
N ASN A 734 6.94 -11.09 -24.15
CA ASN A 734 5.85 -11.90 -23.57
C ASN A 734 6.45 -13.26 -23.26
N HIS A 735 6.77 -13.52 -21.99
CA HIS A 735 7.35 -14.81 -21.55
C HIS A 735 6.22 -15.77 -21.25
N LEU A 736 4.97 -15.38 -21.47
CA LEU A 736 3.80 -16.17 -21.02
C LEU A 736 3.18 -16.91 -22.21
N SER A 737 3.66 -16.65 -23.41
CA SER A 737 3.17 -17.30 -24.64
C SER A 737 4.19 -17.11 -25.76
N ASN A 738 4.27 -18.07 -26.68
CA ASN A 738 5.26 -18.09 -27.79
C ASN A 738 4.68 -17.50 -29.07
N THR A 739 3.43 -17.07 -29.00
CA THR A 739 2.70 -16.43 -30.12
C THR A 739 2.22 -15.07 -29.66
N ALA A 740 2.61 -14.01 -30.37
CA ALA A 740 2.17 -12.61 -30.11
C ALA A 740 1.39 -12.09 -31.33
N GLU A 741 0.35 -11.29 -31.07
CA GLU A 741 -0.37 -10.54 -32.13
C GLU A 741 -0.04 -9.05 -31.95
N VAL A 742 0.32 -8.37 -33.04
CA VAL A 742 0.60 -6.91 -33.02
C VAL A 742 -0.18 -6.27 -34.18
N ALA A 743 -0.99 -5.26 -33.87
CA ALA A 743 -1.64 -4.40 -34.89
C ALA A 743 -0.99 -3.00 -34.86
N ILE A 744 -0.48 -2.59 -36.03
CA ILE A 744 0.44 -1.44 -36.25
C ILE A 744 -0.15 -0.59 -37.37
N LYS A 745 -0.32 0.70 -37.10
CA LYS A 745 -0.42 1.72 -38.17
C LYS A 745 0.99 2.21 -38.46
N GLY A 746 1.60 1.75 -39.54
CA GLY A 746 2.94 2.20 -39.99
C GLY A 746 3.63 1.18 -40.87
N ASP A 747 4.73 1.58 -41.49
CA ASP A 747 5.52 0.67 -42.36
C ASP A 747 6.41 -0.24 -41.52
N VAL A 748 6.10 -1.55 -41.49
CA VAL A 748 6.87 -2.63 -40.80
C VAL A 748 7.96 -3.21 -41.70
N GLU A 749 9.23 -2.90 -41.46
CA GLU A 749 10.37 -3.38 -42.29
C GLU A 749 10.61 -4.88 -42.04
N GLY A 750 10.38 -5.38 -40.83
CA GLY A 750 10.71 -6.77 -40.49
C GLY A 750 10.71 -7.02 -39.00
N VAL A 751 11.13 -8.24 -38.61
CA VAL A 751 11.09 -8.79 -37.22
C VAL A 751 12.42 -9.48 -36.95
N GLU A 752 13.13 -9.09 -35.88
CA GLU A 752 14.34 -9.80 -35.40
C GLU A 752 13.87 -10.69 -34.24
N ASN A 753 14.35 -11.93 -34.21
CA ASN A 753 14.13 -12.87 -33.07
C ASN A 753 12.68 -13.37 -33.03
N GLY A 754 12.03 -13.51 -34.18
CA GLY A 754 10.64 -13.94 -34.26
C GLY A 754 10.33 -14.26 -35.71
N GLU A 755 9.35 -15.12 -35.97
CA GLU A 755 8.96 -15.38 -37.37
C GLU A 755 7.51 -14.94 -37.54
N VAL A 756 7.22 -14.16 -38.58
CA VAL A 756 5.82 -13.75 -38.88
C VAL A 756 5.11 -14.97 -39.43
N VAL A 757 4.10 -15.51 -38.80
CA VAL A 757 3.43 -16.70 -39.40
C VAL A 757 2.07 -16.28 -39.95
N GLU A 758 1.67 -15.03 -39.82
CA GLU A 758 0.38 -14.53 -40.34
C GLU A 758 0.38 -12.99 -40.35
N LYS A 759 -0.32 -12.40 -41.32
CA LYS A 759 -0.25 -10.96 -41.74
C LYS A 759 -1.58 -10.54 -42.37
N LYS A 760 -2.17 -9.40 -41.99
CA LYS A 760 -3.39 -8.88 -42.65
C LYS A 760 -3.24 -7.36 -42.77
N GLN A 761 -3.63 -6.78 -43.92
CA GLN A 761 -3.71 -5.31 -44.09
C GLN A 761 -5.18 -4.93 -44.28
N GLU A 762 -5.71 -4.14 -43.35
CA GLU A 762 -7.08 -3.55 -43.38
C GLU A 762 -6.87 -2.04 -43.24
N GLY A 763 -7.08 -1.30 -44.34
CA GLY A 763 -6.74 0.13 -44.47
C GLY A 763 -5.31 0.38 -44.00
N GLU A 764 -5.16 1.09 -42.88
CA GLU A 764 -3.87 1.67 -42.44
C GLU A 764 -3.14 0.67 -41.53
N VAL A 765 -3.81 -0.42 -41.13
CA VAL A 765 -3.32 -1.34 -40.06
C VAL A 765 -2.63 -2.55 -40.68
N THR A 766 -1.39 -2.79 -40.29
CA THR A 766 -0.68 -4.07 -40.46
C THR A 766 -0.84 -4.86 -39.16
N THR A 767 -1.45 -6.04 -39.27
CA THR A 767 -1.55 -7.02 -38.17
C THR A 767 -0.64 -8.22 -38.44
N LEU A 768 0.20 -8.53 -37.47
CA LEU A 768 1.15 -9.68 -37.54
C LEU A 768 0.93 -10.62 -36.36
N VAL A 769 0.98 -11.91 -36.67
CA VAL A 769 1.14 -13.01 -35.69
C VAL A 769 2.61 -13.43 -35.74
N ILE A 770 3.28 -13.33 -34.60
CA ILE A 770 4.72 -13.60 -34.46
C ILE A 770 4.96 -14.69 -33.43
N ARG A 771 5.67 -15.73 -33.88
CA ARG A 771 6.21 -16.84 -33.07
C ARG A 771 7.61 -16.43 -32.61
N HIS A 772 7.86 -16.50 -31.31
CA HIS A 772 9.10 -15.96 -30.74
C HIS A 772 9.46 -16.71 -29.47
N PRO A 773 10.75 -16.71 -29.08
CA PRO A 773 11.18 -17.40 -27.87
C PRO A 773 10.96 -16.54 -26.62
N GLY A 774 10.31 -15.37 -26.70
CA GLY A 774 9.92 -14.58 -25.52
C GLY A 774 10.16 -13.08 -25.69
N GLU A 775 10.84 -12.70 -26.77
CA GLU A 775 11.24 -11.31 -27.04
C GLU A 775 11.41 -11.19 -28.55
N PHE A 776 10.87 -10.14 -29.17
CA PHE A 776 11.14 -9.87 -30.60
C PHE A 776 11.20 -8.37 -30.85
N VAL A 777 11.85 -8.01 -31.95
CA VAL A 777 12.00 -6.58 -32.37
C VAL A 777 11.23 -6.36 -33.67
N LEU A 778 10.38 -5.34 -33.67
CA LEU A 778 9.77 -4.81 -34.91
C LEU A 778 10.66 -3.72 -35.48
N LEU A 779 10.98 -3.83 -36.77
CA LEU A 779 11.68 -2.79 -37.55
C LEU A 779 10.63 -2.03 -38.36
N LEU A 780 10.75 -0.70 -38.34
CA LEU A 780 9.76 0.23 -38.94
C LEU A 780 10.47 1.26 -39.83
#